data_4WVM
#
_entry.id   4WVM
#
_cell.length_a   107.911
_cell.length_b   107.911
_cell.length_c   244.345
_cell.angle_alpha   90.00
_cell.angle_beta   90.00
_cell.angle_gamma   90.00
#
_symmetry.space_group_name_H-M   'P 43'
#
loop_
_entity.id
_entity.type
_entity.pdbx_description
1 polymer 'Stonustoxin subunit alpha'
2 polymer 'Stonustoxin subunit beta'
#
loop_
_entity_poly.entity_id
_entity_poly.type
_entity_poly.pdbx_seq_one_letter_code
_entity_poly.pdbx_strand_id
1 'polypeptide(L)'
;MSSDLVMPALGRPFTLGMLYDARREKLIPGFSLFGDETLQKYQSSNAQRSSEFKIVASDSTESKSSAMDIEASLGVSFLG
GLVEVGGSAKYLNNTKKYQNQSRVTLKYKATTVYKQFTAPPGTVTVQETAITEKGLATHVVTSILYGANAFFVSDSDKVE
DTNLQDIQGKMEAAIKKIPTISIEGSASVQLTDEEKSLASNLSCKFHGDFLLESLPTTFEDAVKTYQTLPTLIGEDGANS
VPMKVWLAPLKSYNSKAQQLIQEINVSKVRRIHTTLEELHKLKRRANEAMDVKLVQRIPLIHDKISNFQQIFQDYMLTVQ
KKIAEKLPLVRAGTESEQSLQKIIDDRAQSPFSNEKVSKWLDAVEREIAVLKSCAGMVEGTQAKFVSNQTELDREVLVGK
VKHAVCFIFTSVERNDPYLKVLSDYWESPPSNNAKDVAPSTEDKWCFSTEVVLKMQQRAQTFCDHVNDFEKSRNVGFFIT
ALENGKFQGASIYYYKEGSLATQDFTFPRMPFVQGYKKRSDLLWYACDLTFDRNTINNWISLSDNDTFAASEHGKRQNYP
KHPERFVSFNQVLCNEGLMGKHYWEVEWNGYIDVGIAYISIPRKEIDFASAFGYNTYSWVLSYNPKIGYIERHKKREYNV
RAPNPGFKRLGLFLDWRYGSISFYAVSSDEVHHLHTFKTKFTEPVYPAFSIGPAGNHGTLRLL
;
A
2 'polypeptide(L)'
;MPSDILVVAALGRPFTLGMLYDARNDKLIPGFTLWEDEVIEESTLESSQPSSAFEIIASDSTDDKSSLMDIEASLKASFL
GGLVEVGGSAKYLNNQKKFKNQSRVTLQYKATTSFKQLMTNLGTKHVEYSELFENIQATHVVIGILYGANAFFVFDSNKV
DSTNVQEIQGQMEAVIKKIPSVEISGKASVQLTGEETDITNSFSCEFHGDFFLTTNPTTFEDAVKTYQQLPQMMGKDNAV
PMTVWLVPMVNFYSEAPQLMADSSTPILRKVRNTLEAIVQVQMRCNDALDDPTVNLFTEVQKKLSDFQKICDDHMSKLQA
TIAKKLFAIRSGDEDESALLNLFEENLQSPFNIESLNMWMEFEEREINVLRSCMDILTKAKPKVIFNQGVLFKGLYDSKV
KHALCYVFTNVTKNDVFLNVLNEFLDSPQSRPKKLRPSPKDYWYSYDDIPETMREKAYLFRNLAKEMNNRCVHFFVTAIH
NPKQEGAGIHYYRESIQIIDEFTKPYMPGVESIKDRRELQWYDCELTLDPETAHQVLTLSEGNKKAVSGNTKSPTDHLEK
FSHFQQVMCTKGLSGRHYWELEWSGYVGAGVTYKGIGRKTSTSDSSLGKNEKSWLFEYSTKSGYQQIHNSKKTRVTVSST
GFKLLGVYLDWPAGTLSFYMVNKAWVTHLHTFHTKFNEAVYPAFLIGDAQQKVNGQIKLL
;
B
#
# COMPACT_ATOMS: atom_id res chain seq x y z
N ASP A 4 55.16 -12.11 -35.77
CA ASP A 4 54.00 -12.89 -35.33
C ASP A 4 53.54 -12.43 -33.96
N LEU A 5 52.23 -12.21 -33.82
CA LEU A 5 51.58 -11.83 -32.56
C LEU A 5 50.34 -12.68 -32.37
N VAL A 6 50.37 -13.56 -31.37
CA VAL A 6 49.26 -14.45 -31.06
C VAL A 6 48.41 -13.83 -29.93
N MET A 7 47.07 -13.94 -30.05
CA MET A 7 46.14 -13.42 -29.06
C MET A 7 44.86 -14.28 -29.04
N PRO A 8 44.14 -14.36 -27.88
CA PRO A 8 42.92 -15.18 -27.86
C PRO A 8 41.84 -14.53 -28.69
N ALA A 9 41.25 -15.32 -29.60
CA ALA A 9 40.15 -14.83 -30.40
C ALA A 9 38.94 -14.77 -29.50
N LEU A 10 38.63 -13.56 -29.02
CA LEU A 10 37.47 -13.37 -28.15
C LEU A 10 36.27 -13.43 -29.06
N GLY A 11 35.09 -13.67 -28.52
CA GLY A 11 33.86 -13.90 -29.27
C GLY A 11 33.70 -13.23 -30.62
N ARG A 12 34.40 -12.11 -30.82
CA ARG A 12 34.45 -11.33 -32.05
C ARG A 12 34.95 -12.19 -33.23
N PRO A 13 34.24 -12.08 -34.38
CA PRO A 13 34.55 -12.97 -35.51
C PRO A 13 35.84 -12.68 -36.26
N PHE A 14 36.50 -13.74 -36.72
CA PHE A 14 37.72 -13.59 -37.47
C PHE A 14 37.63 -14.43 -38.72
N THR A 15 38.19 -13.91 -39.80
CA THR A 15 38.24 -14.62 -41.08
C THR A 15 39.68 -14.54 -41.56
N LEU A 16 40.12 -15.45 -42.46
CA LEU A 16 41.49 -15.42 -42.95
C LEU A 16 41.74 -14.16 -43.79
N GLY A 17 42.92 -13.55 -43.61
CA GLY A 17 43.37 -12.35 -44.32
C GLY A 17 42.77 -11.03 -43.87
N MET A 18 41.98 -11.06 -42.77
CA MET A 18 41.29 -9.93 -42.17
C MET A 18 42.31 -8.91 -41.60
N LEU A 19 42.08 -7.60 -41.87
CA LEU A 19 42.91 -6.50 -41.36
C LEU A 19 42.62 -6.25 -39.86
N TYR A 20 43.60 -5.67 -39.12
CA TYR A 20 43.49 -5.40 -37.68
C TYR A 20 44.33 -4.18 -37.25
N ASP A 21 43.96 -3.53 -36.13
CA ASP A 21 44.65 -2.38 -35.53
C ASP A 21 45.09 -2.69 -34.10
N ALA A 22 46.18 -2.03 -33.66
CA ALA A 22 46.78 -2.13 -32.33
C ALA A 22 46.02 -1.30 -31.28
N ARG A 23 44.85 -0.69 -31.68
CA ARG A 23 43.88 -0.02 -30.79
C ARG A 23 42.74 -1.04 -30.52
N ARG A 24 43.05 -2.32 -30.85
CA ARG A 24 42.32 -3.58 -30.68
C ARG A 24 40.95 -3.61 -31.38
N GLU A 25 40.80 -2.78 -32.42
CA GLU A 25 39.66 -2.79 -33.32
C GLU A 25 40.05 -3.63 -34.56
N LYS A 26 39.09 -4.17 -35.30
CA LYS A 26 39.43 -4.93 -36.50
C LYS A 26 38.72 -4.38 -37.73
N LEU A 27 39.53 -4.02 -38.73
CA LEU A 27 39.12 -3.47 -40.02
C LEU A 27 38.69 -4.61 -40.92
N ILE A 28 37.50 -4.50 -41.55
CA ILE A 28 36.97 -5.57 -42.42
C ILE A 28 36.31 -4.97 -43.68
N SER A 44 45.70 -24.41 -46.13
CA SER A 44 45.92 -25.73 -45.57
C SER A 44 45.36 -25.81 -44.14
N SER A 45 44.44 -26.76 -43.88
CA SER A 45 43.87 -26.93 -42.53
C SER A 45 44.07 -28.37 -42.03
N ASN A 46 44.74 -28.51 -40.87
CA ASN A 46 45.01 -29.81 -40.26
C ASN A 46 44.23 -29.94 -38.93
N ALA A 47 43.16 -30.78 -38.93
CA ALA A 47 42.26 -31.05 -37.80
C ALA A 47 42.98 -31.39 -36.47
N GLN A 48 42.42 -30.90 -35.34
CA GLN A 48 42.98 -31.06 -33.99
C GLN A 48 42.10 -32.01 -33.13
N ARG A 49 40.82 -31.68 -32.91
CA ARG A 49 39.80 -32.47 -32.20
C ARG A 49 40.19 -32.95 -30.77
N SER A 50 40.18 -32.04 -29.78
CA SER A 50 40.44 -32.39 -28.37
C SER A 50 39.59 -31.53 -27.42
N SER A 51 39.01 -32.16 -26.36
CA SER A 51 38.20 -31.48 -25.35
C SER A 51 38.71 -31.73 -23.92
N GLU A 52 39.10 -30.64 -23.22
CA GLU A 52 39.59 -30.69 -21.84
C GLU A 52 39.01 -29.54 -21.02
N PHE A 53 39.28 -29.55 -19.72
CA PHE A 53 38.72 -28.56 -18.78
C PHE A 53 39.78 -27.91 -17.90
N LYS A 54 39.33 -26.93 -17.10
CA LYS A 54 40.11 -26.17 -16.12
C LYS A 54 39.17 -25.60 -15.10
N ILE A 55 39.66 -25.43 -13.86
CA ILE A 55 38.91 -24.83 -12.75
C ILE A 55 39.59 -23.51 -12.38
N VAL A 56 38.81 -22.45 -12.36
CA VAL A 56 39.26 -21.12 -11.99
C VAL A 56 38.65 -20.83 -10.62
N ALA A 57 39.47 -20.93 -9.56
CA ALA A 57 38.99 -20.70 -8.20
C ALA A 57 38.95 -19.20 -7.87
N SER A 58 39.58 -18.34 -8.70
CA SER A 58 39.57 -16.89 -8.47
C SER A 58 38.84 -16.14 -9.59
N ASP A 59 38.06 -15.09 -9.23
CA ASP A 59 37.34 -14.27 -10.21
C ASP A 59 38.06 -12.93 -10.49
N SER A 60 39.29 -12.76 -9.95
CA SER A 60 40.13 -11.59 -10.18
C SER A 60 40.25 -11.35 -11.69
N THR A 61 40.39 -10.07 -12.11
CA THR A 61 40.53 -9.71 -13.53
C THR A 61 41.70 -10.51 -14.18
N GLU A 62 42.79 -10.75 -13.40
CA GLU A 62 43.97 -11.52 -13.76
C GLU A 62 43.64 -13.00 -14.00
N SER A 63 42.79 -13.62 -13.12
CA SER A 63 42.36 -15.02 -13.25
C SER A 63 41.48 -15.20 -14.47
N LYS A 64 40.62 -14.23 -14.76
CA LYS A 64 39.78 -14.22 -15.95
C LYS A 64 40.66 -14.24 -17.23
N SER A 65 41.75 -13.43 -17.16
CA SER A 65 42.75 -13.28 -18.21
C SER A 65 43.55 -14.55 -18.37
N SER A 66 43.95 -15.19 -17.25
CA SER A 66 44.72 -16.44 -17.25
C SER A 66 43.92 -17.56 -17.89
N ALA A 67 42.60 -17.62 -17.56
CA ALA A 67 41.65 -18.60 -18.07
C ALA A 67 41.46 -18.48 -19.58
N MET A 68 41.50 -17.23 -20.09
CA MET A 68 41.29 -16.93 -21.49
C MET A 68 42.57 -16.53 -22.25
N ASP A 69 43.75 -16.69 -21.60
CA ASP A 69 45.11 -16.42 -22.11
C ASP A 69 45.27 -14.98 -22.68
N ILE A 70 44.61 -14.00 -22.04
CA ILE A 70 44.66 -12.59 -22.45
C ILE A 70 46.01 -12.03 -22.03
N GLU A 71 46.70 -11.34 -22.98
CA GLU A 71 48.01 -10.74 -22.75
C GLU A 71 47.91 -9.29 -22.27
N ALA A 72 49.08 -8.62 -22.05
CA ALA A 72 49.17 -7.25 -21.54
C ALA A 72 48.49 -6.22 -22.46
N SER A 73 48.78 -6.23 -23.78
CA SER A 73 48.22 -5.30 -24.78
C SER A 73 46.69 -5.39 -24.85
N LEU A 74 46.13 -6.61 -24.93
CA LEU A 74 44.68 -6.88 -24.98
C LEU A 74 44.02 -6.58 -23.61
N GLY A 75 44.73 -6.94 -22.53
CA GLY A 75 44.31 -6.70 -21.15
C GLY A 75 43.99 -5.24 -20.91
N VAL A 76 44.96 -4.34 -21.20
CA VAL A 76 44.83 -2.89 -21.06
C VAL A 76 43.74 -2.35 -21.99
N SER A 77 43.65 -2.92 -23.19
CA SER A 77 42.66 -2.55 -24.21
C SER A 77 41.25 -2.94 -23.77
N PHE A 78 41.11 -4.05 -23.01
CA PHE A 78 39.83 -4.50 -22.50
C PHE A 78 39.40 -3.58 -21.36
N LEU A 79 40.36 -2.99 -20.62
CA LEU A 79 40.08 -2.06 -19.53
C LEU A 79 39.51 -0.74 -20.08
N GLY A 80 40.00 -0.33 -21.25
CA GLY A 80 39.48 0.83 -21.97
C GLY A 80 38.17 0.51 -22.65
N GLY A 81 37.88 -0.79 -22.74
CA GLY A 81 36.66 -1.35 -23.34
C GLY A 81 36.56 -1.16 -24.84
N LEU A 82 37.71 -1.15 -25.52
CA LEU A 82 37.83 -0.97 -26.97
C LEU A 82 37.50 -2.27 -27.71
N VAL A 83 37.84 -3.41 -27.09
CA VAL A 83 37.55 -4.72 -27.64
C VAL A 83 36.08 -5.12 -27.40
N GLU A 84 35.50 -5.73 -28.43
CA GLU A 84 34.17 -6.31 -28.43
C GLU A 84 34.34 -7.79 -28.12
N VAL A 85 33.57 -8.31 -27.18
CA VAL A 85 33.66 -9.71 -26.78
C VAL A 85 32.40 -10.45 -27.28
N GLY A 86 32.37 -11.78 -27.11
CA GLY A 86 31.23 -12.60 -27.49
C GLY A 86 31.27 -14.00 -26.92
N GLY A 87 30.11 -14.67 -26.91
CA GLY A 87 29.94 -16.03 -26.42
C GLY A 87 30.55 -16.29 -25.05
N SER A 88 31.62 -17.10 -25.03
CA SER A 88 32.38 -17.43 -23.82
C SER A 88 33.01 -16.19 -23.18
N ALA A 89 33.51 -15.23 -24.02
CA ALA A 89 34.24 -14.00 -23.64
C ALA A 89 33.41 -13.05 -22.73
N LYS A 90 32.06 -13.26 -22.67
CA LYS A 90 31.14 -12.52 -21.83
C LYS A 90 31.45 -12.80 -20.37
N TYR A 91 32.24 -13.86 -20.10
CA TYR A 91 32.73 -14.25 -18.78
C TYR A 91 33.59 -13.13 -18.17
N LEU A 92 34.31 -12.39 -19.04
CA LEU A 92 35.15 -11.27 -18.64
C LEU A 92 34.33 -10.17 -17.98
N ASN A 93 33.20 -9.82 -18.61
CA ASN A 93 32.24 -8.81 -18.17
C ASN A 93 31.53 -9.23 -16.88
N ASN A 94 31.28 -10.56 -16.70
CA ASN A 94 30.60 -11.12 -15.53
C ASN A 94 31.48 -10.96 -14.27
N THR A 95 31.08 -10.01 -13.39
CA THR A 95 31.82 -9.68 -12.16
C THR A 95 31.00 -9.94 -10.91
N LYS A 96 31.71 -10.28 -9.81
CA LYS A 96 31.10 -10.52 -8.52
C LYS A 96 30.44 -9.25 -8.04
N LYS A 97 29.16 -9.32 -7.64
CA LYS A 97 28.39 -8.16 -7.16
C LYS A 97 28.72 -7.87 -5.70
N TYR A 98 28.79 -8.93 -4.88
CA TYR A 98 29.07 -8.88 -3.45
C TYR A 98 30.39 -9.58 -3.13
N GLN A 99 31.16 -9.00 -2.19
CA GLN A 99 32.45 -9.56 -1.77
C GLN A 99 32.24 -10.84 -0.96
N ASN A 100 31.12 -10.90 -0.22
CA ASN A 100 30.72 -12.00 0.65
C ASN A 100 30.46 -13.33 -0.07
N GLN A 101 29.95 -13.29 -1.32
CA GLN A 101 29.68 -14.50 -2.09
C GLN A 101 31.01 -15.18 -2.51
N SER A 102 30.96 -16.52 -2.69
CA SER A 102 32.09 -17.33 -3.13
C SER A 102 31.84 -17.85 -4.55
N ARG A 103 32.84 -17.69 -5.45
CA ARG A 103 32.70 -18.05 -6.85
C ARG A 103 33.84 -18.94 -7.40
N VAL A 104 33.42 -20.09 -7.94
CA VAL A 104 34.29 -21.04 -8.60
C VAL A 104 33.73 -21.22 -10.02
N THR A 105 34.59 -21.19 -11.04
CA THR A 105 34.15 -21.33 -12.44
C THR A 105 34.81 -22.53 -13.08
N LEU A 106 34.03 -23.32 -13.83
CA LEU A 106 34.55 -24.45 -14.59
C LEU A 106 34.67 -24.04 -16.07
N LYS A 107 35.91 -24.09 -16.58
CA LYS A 107 36.18 -23.75 -17.97
C LYS A 107 36.26 -25.01 -18.78
N TYR A 108 35.45 -25.09 -19.83
CA TYR A 108 35.46 -26.19 -20.80
C TYR A 108 36.21 -25.64 -22.01
N LYS A 109 37.03 -26.45 -22.70
CA LYS A 109 37.79 -26.00 -23.87
C LYS A 109 37.77 -27.06 -24.97
N ALA A 110 37.41 -26.66 -26.21
CA ALA A 110 37.38 -27.58 -27.33
C ALA A 110 38.08 -27.01 -28.57
N THR A 111 39.34 -27.43 -28.82
CA THR A 111 40.13 -27.04 -30.00
C THR A 111 39.90 -28.13 -31.04
N THR A 112 39.48 -27.78 -32.29
CA THR A 112 39.18 -28.83 -33.28
C THR A 112 39.80 -28.66 -34.69
N VAL A 113 39.85 -27.44 -35.27
CA VAL A 113 40.43 -27.28 -36.63
C VAL A 113 41.41 -26.10 -36.65
N TYR A 114 42.60 -26.28 -37.24
CA TYR A 114 43.58 -25.20 -37.37
C TYR A 114 43.75 -24.87 -38.87
N LYS A 115 43.34 -23.64 -39.27
CA LYS A 115 43.39 -23.19 -40.66
C LYS A 115 44.52 -22.18 -40.85
N GLN A 116 45.39 -22.45 -41.84
CA GLN A 116 46.59 -21.66 -42.15
C GLN A 116 46.59 -20.99 -43.53
N PHE A 117 47.48 -19.98 -43.70
CA PHE A 117 47.74 -19.28 -44.95
C PHE A 117 49.22 -18.83 -44.99
N THR A 138 47.18 -2.31 -39.56
CA THR A 138 48.41 -2.54 -38.80
C THR A 138 48.79 -4.02 -38.85
N HIS A 139 47.82 -4.96 -38.75
CA HIS A 139 48.08 -6.42 -38.77
C HIS A 139 47.11 -7.18 -39.67
N VAL A 140 47.53 -8.39 -40.11
CA VAL A 140 46.75 -9.30 -40.97
C VAL A 140 46.76 -10.68 -40.34
N VAL A 141 45.61 -11.37 -40.34
CA VAL A 141 45.53 -12.72 -39.78
C VAL A 141 45.97 -13.73 -40.85
N THR A 142 47.01 -14.50 -40.52
CA THR A 142 47.58 -15.51 -41.43
C THR A 142 46.94 -16.87 -41.10
N SER A 143 46.93 -17.22 -39.80
CA SER A 143 46.37 -18.48 -39.33
C SER A 143 45.44 -18.24 -38.14
N ILE A 144 44.36 -19.00 -38.08
CA ILE A 144 43.31 -18.92 -37.06
C ILE A 144 42.96 -20.33 -36.57
N LEU A 145 42.99 -20.56 -35.26
CA LEU A 145 42.59 -21.83 -34.67
C LEU A 145 41.09 -21.77 -34.41
N TYR A 146 40.33 -22.78 -34.87
CA TYR A 146 38.89 -22.84 -34.70
C TYR A 146 38.52 -23.81 -33.60
N GLY A 147 37.62 -23.34 -32.73
CA GLY A 147 37.12 -24.09 -31.59
C GLY A 147 36.26 -23.27 -30.64
N ALA A 148 35.24 -23.93 -30.04
CA ALA A 148 34.31 -23.30 -29.10
C ALA A 148 34.60 -23.71 -27.67
N ASN A 149 34.51 -22.77 -26.71
CA ASN A 149 34.70 -23.12 -25.30
C ASN A 149 33.61 -22.43 -24.45
N ALA A 150 33.31 -23.00 -23.26
CA ALA A 150 32.24 -22.56 -22.36
C ALA A 150 32.71 -22.31 -20.93
N PHE A 151 31.94 -21.48 -20.20
CA PHE A 151 32.18 -21.09 -18.81
C PHE A 151 30.97 -21.38 -17.93
N PHE A 152 31.20 -22.12 -16.83
CA PHE A 152 30.18 -22.52 -15.85
C PHE A 152 30.44 -21.85 -14.49
N VAL A 153 30.07 -20.55 -14.42
CA VAL A 153 30.23 -19.66 -13.27
C VAL A 153 29.26 -20.06 -12.14
N SER A 154 29.81 -20.72 -11.09
CA SER A 154 29.05 -21.20 -9.94
C SER A 154 29.24 -20.25 -8.76
N ASP A 155 28.12 -19.72 -8.23
CA ASP A 155 28.11 -18.77 -7.10
C ASP A 155 27.37 -19.28 -5.87
N SER A 156 27.99 -19.14 -4.70
CA SER A 156 27.37 -19.55 -3.45
C SER A 156 26.47 -18.43 -2.93
N ASP A 157 25.62 -18.73 -1.92
CA ASP A 157 24.73 -17.75 -1.31
C ASP A 157 25.52 -16.60 -0.66
N LYS A 158 24.86 -15.44 -0.42
CA LYS A 158 25.47 -14.24 0.16
C LYS A 158 26.02 -14.49 1.59
N VAL A 159 25.55 -15.58 2.24
CA VAL A 159 25.95 -16.00 3.59
C VAL A 159 27.43 -16.41 3.58
N ASP A 166 36.08 -23.39 5.07
CA ASP A 166 35.99 -22.41 3.98
C ASP A 166 35.15 -22.95 2.80
N ILE A 167 34.17 -22.12 2.39
CA ILE A 167 33.20 -22.36 1.33
C ILE A 167 33.85 -22.24 -0.07
N GLN A 168 35.09 -21.71 -0.17
CA GLN A 168 35.79 -21.59 -1.47
C GLN A 168 36.32 -22.95 -1.97
N GLY A 169 37.13 -23.61 -1.14
CA GLY A 169 37.71 -24.91 -1.45
C GLY A 169 36.69 -26.02 -1.54
N LYS A 170 35.65 -25.97 -0.65
CA LYS A 170 34.56 -26.96 -0.61
C LYS A 170 33.80 -26.96 -1.94
N MET A 171 33.58 -25.76 -2.52
CA MET A 171 32.92 -25.57 -3.81
C MET A 171 33.73 -26.18 -4.97
N GLU A 172 35.05 -25.87 -5.05
CA GLU A 172 35.95 -26.37 -6.09
C GLU A 172 36.05 -27.91 -6.04
N ALA A 173 36.01 -28.51 -4.82
CA ALA A 173 36.03 -29.96 -4.60
C ALA A 173 34.82 -30.61 -5.29
N ALA A 174 33.60 -29.97 -5.16
CA ALA A 174 32.35 -30.42 -5.77
C ALA A 174 32.38 -30.23 -7.29
N ILE A 175 32.85 -29.04 -7.77
CA ILE A 175 32.94 -28.66 -9.19
C ILE A 175 33.95 -29.54 -9.92
N LYS A 176 35.07 -29.89 -9.25
CA LYS A 176 36.12 -30.75 -9.81
C LYS A 176 35.54 -32.00 -10.45
N LYS A 177 34.45 -32.55 -9.87
CA LYS A 177 33.79 -33.80 -10.27
C LYS A 177 32.88 -33.65 -11.52
N ILE A 178 32.47 -32.42 -11.93
CA ILE A 178 31.61 -32.22 -13.11
C ILE A 178 32.10 -33.07 -14.31
N PRO A 179 33.38 -32.98 -14.76
CA PRO A 179 33.79 -33.78 -15.92
C PRO A 179 34.01 -35.26 -15.62
N THR A 180 34.02 -35.60 -14.33
CA THR A 180 34.27 -36.95 -13.85
C THR A 180 32.93 -37.70 -13.70
N ILE A 181 31.83 -37.00 -13.29
CA ILE A 181 30.50 -37.59 -13.10
C ILE A 181 29.53 -37.31 -14.28
N SER A 182 28.43 -38.10 -14.31
CA SER A 182 27.36 -38.05 -15.30
C SER A 182 25.98 -38.23 -14.61
N ILE A 183 25.38 -37.13 -14.09
CA ILE A 183 24.07 -37.08 -13.40
C ILE A 183 23.97 -38.19 -12.32
N LEU A 191 28.31 -39.50 -5.65
CA LEU A 191 28.30 -38.12 -5.15
C LEU A 191 27.52 -38.01 -3.79
N THR A 192 28.28 -37.69 -2.70
CA THR A 192 27.87 -37.56 -1.28
C THR A 192 26.59 -36.73 -1.06
N ASP A 193 25.80 -37.11 -0.01
CA ASP A 193 24.60 -36.43 0.46
C ASP A 193 24.97 -35.00 0.85
N GLU A 194 26.14 -34.86 1.50
CA GLU A 194 26.75 -33.61 1.94
C GLU A 194 27.16 -32.76 0.72
N GLU A 195 27.78 -33.40 -0.29
CA GLU A 195 28.19 -32.73 -1.53
C GLU A 195 26.96 -32.28 -2.30
N LYS A 196 25.91 -33.15 -2.35
CA LYS A 196 24.65 -32.89 -3.03
C LYS A 196 23.90 -31.70 -2.42
N SER A 197 24.01 -31.48 -1.09
CA SER A 197 23.36 -30.34 -0.42
C SER A 197 24.04 -29.01 -0.77
N LEU A 198 25.40 -29.02 -0.91
CA LEU A 198 26.17 -27.85 -1.30
C LEU A 198 25.83 -27.47 -2.74
N ALA A 199 25.88 -28.45 -3.67
CA ALA A 199 25.54 -28.34 -5.10
C ALA A 199 24.12 -27.76 -5.32
N SER A 200 23.18 -28.13 -4.43
CA SER A 200 21.79 -27.68 -4.42
C SER A 200 21.65 -26.18 -4.14
N ASN A 201 22.55 -25.63 -3.30
CA ASN A 201 22.49 -24.22 -2.92
C ASN A 201 23.46 -23.34 -3.75
N LEU A 202 23.92 -23.88 -4.89
CA LEU A 202 24.79 -23.14 -5.80
C LEU A 202 24.01 -22.69 -7.02
N SER A 203 24.31 -21.49 -7.52
CA SER A 203 23.70 -20.95 -8.74
C SER A 203 24.70 -21.04 -9.88
N CYS A 204 24.22 -21.32 -11.11
CA CYS A 204 25.07 -21.44 -12.29
C CYS A 204 24.69 -20.42 -13.37
N LYS A 205 25.72 -19.94 -14.09
CA LYS A 205 25.60 -19.04 -15.23
C LYS A 205 26.40 -19.60 -16.38
N PHE A 206 25.79 -19.68 -17.56
CA PHE A 206 26.48 -20.20 -18.73
C PHE A 206 26.99 -19.07 -19.63
N HIS A 207 28.28 -19.17 -20.06
CA HIS A 207 28.95 -18.28 -21.03
C HIS A 207 29.67 -19.15 -22.04
N GLY A 208 29.09 -19.34 -23.21
CA GLY A 208 29.74 -20.20 -24.20
C GLY A 208 29.44 -19.90 -25.65
N ASP A 209 30.30 -20.47 -26.52
CA ASP A 209 30.19 -20.35 -27.99
C ASP A 209 29.30 -21.42 -28.61
N PHE A 210 28.22 -21.75 -27.90
CA PHE A 210 27.25 -22.74 -28.35
C PHE A 210 25.84 -22.18 -28.31
N LEU A 211 25.03 -22.60 -29.28
CA LEU A 211 23.61 -22.29 -29.31
C LEU A 211 22.96 -23.50 -28.68
N LEU A 212 22.36 -23.34 -27.49
CA LEU A 212 21.82 -24.48 -26.75
C LEU A 212 20.31 -24.63 -26.81
N GLU A 213 19.84 -25.88 -26.64
CA GLU A 213 18.42 -26.22 -26.62
C GLU A 213 17.87 -25.93 -25.22
N SER A 214 18.76 -25.77 -24.22
CA SER A 214 18.44 -25.46 -22.82
C SER A 214 19.66 -24.86 -22.14
N LEU A 215 19.45 -23.89 -21.23
CA LEU A 215 20.54 -23.25 -20.50
C LEU A 215 20.60 -23.72 -19.03
N PRO A 216 21.83 -23.95 -18.50
CA PRO A 216 21.96 -24.44 -17.13
C PRO A 216 21.89 -23.35 -16.06
N THR A 217 21.01 -23.59 -15.08
CA THR A 217 20.76 -22.74 -13.92
C THR A 217 21.14 -23.51 -12.67
N THR A 218 21.00 -24.85 -12.72
CA THR A 218 21.25 -25.84 -11.66
C THR A 218 22.60 -26.52 -11.88
N PHE A 219 23.18 -27.10 -10.79
CA PHE A 219 24.40 -27.92 -10.83
C PHE A 219 24.10 -29.13 -11.69
N GLU A 220 22.96 -29.82 -11.40
CA GLU A 220 22.47 -30.95 -12.18
C GLU A 220 22.44 -30.54 -13.64
N ASP A 221 21.78 -29.38 -13.93
CA ASP A 221 21.66 -28.81 -15.27
C ASP A 221 23.04 -28.61 -15.94
N ALA A 222 24.02 -28.08 -15.17
CA ALA A 222 25.37 -27.87 -15.69
C ALA A 222 26.04 -29.20 -16.08
N VAL A 223 25.83 -30.28 -15.28
CA VAL A 223 26.39 -31.61 -15.55
C VAL A 223 25.83 -32.14 -16.91
N LYS A 224 24.49 -32.31 -17.05
CA LYS A 224 23.86 -32.79 -18.28
C LYS A 224 24.16 -31.87 -19.50
N THR A 225 24.37 -30.55 -19.28
CA THR A 225 24.76 -29.59 -20.33
C THR A 225 26.16 -29.92 -20.77
N TYR A 226 27.09 -30.08 -19.80
CA TYR A 226 28.51 -30.40 -20.01
C TYR A 226 28.68 -31.73 -20.82
N GLN A 227 27.82 -32.72 -20.55
CA GLN A 227 27.80 -34.01 -21.24
C GLN A 227 27.40 -33.77 -22.69
N THR A 228 26.41 -32.87 -22.94
CA THR A 228 25.88 -32.52 -24.26
C THR A 228 26.86 -31.64 -25.08
N LEU A 229 27.67 -30.81 -24.41
CA LEU A 229 28.62 -29.87 -25.03
C LEU A 229 29.49 -30.42 -26.19
N PRO A 230 30.16 -31.60 -26.11
CA PRO A 230 31.01 -32.04 -27.23
C PRO A 230 30.26 -32.33 -28.54
N THR A 231 28.95 -32.61 -28.44
CA THR A 231 28.10 -32.91 -29.60
C THR A 231 27.52 -31.61 -30.18
N ASN A 239 27.93 -24.73 -35.97
CA ASN A 239 29.28 -24.85 -36.55
C ASN A 239 30.32 -24.57 -35.44
N SER A 240 31.43 -23.86 -35.74
CA SER A 240 32.46 -23.55 -34.73
C SER A 240 33.16 -22.22 -34.99
N VAL A 241 33.59 -21.59 -33.90
CA VAL A 241 34.18 -20.25 -33.87
C VAL A 241 35.72 -20.22 -33.75
N PRO A 242 36.38 -19.11 -34.17
CA PRO A 242 37.83 -18.98 -33.93
C PRO A 242 38.11 -18.85 -32.43
N MET A 243 39.08 -19.64 -31.94
CA MET A 243 39.49 -19.68 -30.53
C MET A 243 40.76 -18.87 -30.32
N LYS A 244 41.79 -19.09 -31.17
CA LYS A 244 43.08 -18.41 -31.11
C LYS A 244 43.45 -17.90 -32.50
N VAL A 245 44.01 -16.67 -32.59
CA VAL A 245 44.38 -16.04 -33.88
C VAL A 245 45.87 -15.62 -33.91
N TRP A 246 46.50 -15.71 -35.11
CA TRP A 246 47.89 -15.32 -35.38
C TRP A 246 47.91 -14.09 -36.29
N LEU A 247 48.55 -13.01 -35.81
CA LEU A 247 48.61 -11.73 -36.51
C LEU A 247 50.01 -11.41 -37.01
N ALA A 248 50.12 -11.01 -38.29
CA ALA A 248 51.37 -10.61 -38.95
C ALA A 248 51.16 -9.28 -39.67
N PRO A 249 52.07 -8.28 -39.49
CA PRO A 249 51.84 -6.96 -40.13
C PRO A 249 51.96 -6.98 -41.66
N ASN A 265 55.40 0.02 -22.14
CA ASN A 265 54.41 0.23 -21.09
C ASN A 265 54.01 -1.09 -20.39
N VAL A 266 54.73 -1.46 -19.32
CA VAL A 266 54.39 -2.61 -18.48
C VAL A 266 54.30 -2.04 -17.07
N SER A 267 55.03 -0.94 -16.89
CA SER A 267 55.17 -0.13 -15.69
C SER A 267 53.84 0.49 -15.26
N LYS A 268 53.01 0.92 -16.26
CA LYS A 268 51.69 1.54 -16.03
C LYS A 268 50.55 0.55 -16.02
N VAL A 269 50.66 -0.58 -16.76
CA VAL A 269 49.60 -1.60 -16.86
C VAL A 269 49.07 -1.97 -15.46
N ARG A 270 49.99 -2.27 -14.53
CA ARG A 270 49.65 -2.63 -13.16
C ARG A 270 49.04 -1.46 -12.43
N ARG A 271 49.56 -0.22 -12.62
CA ARG A 271 49.04 1.01 -12.01
C ARG A 271 47.60 1.28 -12.47
N ILE A 272 47.29 1.02 -13.78
CA ILE A 272 45.93 1.19 -14.33
C ILE A 272 45.03 0.09 -13.76
N HIS A 273 45.50 -1.18 -13.80
CA HIS A 273 44.78 -2.32 -13.24
C HIS A 273 44.49 -2.12 -11.75
N THR A 274 45.48 -1.61 -10.97
CA THR A 274 45.35 -1.31 -9.55
C THR A 274 44.25 -0.25 -9.34
N THR A 275 44.23 0.81 -10.19
CA THR A 275 43.23 1.89 -10.11
C THR A 275 41.82 1.34 -10.32
N LEU A 276 41.62 0.53 -11.39
CA LEU A 276 40.30 0.00 -11.70
C LEU A 276 39.81 -1.05 -10.69
N GLU A 277 40.71 -1.91 -10.14
CA GLU A 277 40.30 -2.90 -9.15
C GLU A 277 39.86 -2.18 -7.87
N GLU A 278 40.59 -1.08 -7.49
CA GLU A 278 40.29 -0.21 -6.34
C GLU A 278 38.91 0.38 -6.47
N LEU A 279 38.60 0.88 -7.70
CA LEU A 279 37.32 1.47 -8.02
C LEU A 279 36.21 0.42 -7.95
N HIS A 280 36.45 -0.79 -8.52
CA HIS A 280 35.47 -1.90 -8.50
C HIS A 280 35.21 -2.40 -7.09
N LYS A 281 36.20 -2.25 -6.18
CA LYS A 281 36.10 -2.60 -4.75
C LYS A 281 35.05 -1.68 -4.10
N LEU A 282 35.15 -0.34 -4.32
CA LEU A 282 34.18 0.66 -3.82
C LEU A 282 32.77 0.39 -4.41
N LYS A 283 32.72 0.06 -5.73
CA LYS A 283 31.46 -0.28 -6.43
C LYS A 283 30.78 -1.44 -5.71
N ARG A 284 31.55 -2.50 -5.40
CA ARG A 284 31.06 -3.68 -4.69
C ARG A 284 30.64 -3.31 -3.26
N ARG A 285 31.37 -2.39 -2.62
CA ARG A 285 31.06 -1.92 -1.26
C ARG A 285 29.68 -1.25 -1.24
N ALA A 286 29.47 -0.30 -2.18
CA ALA A 286 28.22 0.46 -2.35
C ALA A 286 27.05 -0.50 -2.50
N ASN A 287 27.22 -1.56 -3.32
CA ASN A 287 26.20 -2.58 -3.61
C ASN A 287 25.83 -3.36 -2.38
N GLU A 288 26.82 -3.68 -1.52
CA GLU A 288 26.62 -4.42 -0.27
C GLU A 288 25.78 -3.59 0.66
N ALA A 289 26.13 -2.29 0.74
CA ALA A 289 25.44 -1.29 1.54
C ALA A 289 23.99 -1.18 1.13
N MET A 290 23.72 -1.34 -0.19
CA MET A 290 22.41 -1.28 -0.82
C MET A 290 21.53 -2.54 -0.52
N ASP A 291 22.14 -3.73 -0.30
CA ASP A 291 21.45 -5.02 -0.07
C ASP A 291 20.74 -5.17 1.33
N VAL A 292 20.78 -4.16 2.22
CA VAL A 292 20.08 -4.23 3.51
C VAL A 292 18.53 -4.13 3.27
N LYS A 293 17.73 -4.74 4.18
CA LYS A 293 16.27 -4.70 4.14
C LYS A 293 15.78 -3.31 4.55
N LEU A 294 16.44 -2.71 5.57
CA LEU A 294 16.12 -1.39 6.08
C LEU A 294 16.31 -0.33 5.01
N VAL A 295 17.41 -0.41 4.24
CA VAL A 295 17.72 0.55 3.17
C VAL A 295 16.51 0.61 2.24
N GLN A 296 15.98 -0.56 1.86
CA GLN A 296 14.83 -0.65 0.97
C GLN A 296 13.56 -0.04 1.62
N ARG A 297 13.42 -0.17 2.95
CA ARG A 297 12.31 0.39 3.73
C ARG A 297 12.42 1.93 3.93
N ILE A 298 13.63 2.51 3.71
CA ILE A 298 13.87 3.94 3.92
C ILE A 298 14.33 4.58 2.61
N PRO A 299 13.36 5.10 1.83
CA PRO A 299 13.69 5.77 0.55
C PRO A 299 14.72 6.89 0.64
N LEU A 300 14.82 7.62 1.76
CA LEU A 300 15.81 8.70 1.91
C LEU A 300 17.26 8.17 1.87
N ILE A 301 17.51 7.01 2.56
CA ILE A 301 18.83 6.39 2.58
C ILE A 301 19.04 5.58 1.26
N HIS A 302 17.95 4.98 0.71
CA HIS A 302 18.05 4.23 -0.53
C HIS A 302 18.39 5.15 -1.68
N ASP A 303 17.64 6.25 -1.83
CA ASP A 303 17.90 7.19 -2.93
C ASP A 303 19.31 7.81 -2.83
N LYS A 304 19.89 7.82 -1.61
CA LYS A 304 21.23 8.34 -1.36
C LYS A 304 22.22 7.42 -2.03
N ILE A 305 22.23 6.12 -1.63
CA ILE A 305 23.09 5.06 -2.15
C ILE A 305 22.88 4.94 -3.67
N SER A 306 21.61 4.93 -4.12
CA SER A 306 21.21 4.85 -5.51
C SER A 306 21.86 5.94 -6.37
N ASN A 307 21.84 7.19 -5.87
CA ASN A 307 22.44 8.35 -6.54
C ASN A 307 23.96 8.16 -6.62
N PHE A 308 24.61 7.80 -5.48
CA PHE A 308 26.05 7.55 -5.45
C PHE A 308 26.41 6.53 -6.49
N GLN A 309 25.61 5.43 -6.58
CA GLN A 309 25.80 4.31 -7.51
C GLN A 309 25.84 4.82 -8.93
N GLN A 310 24.84 5.66 -9.31
CA GLN A 310 24.75 6.26 -10.65
C GLN A 310 25.92 7.22 -10.91
N ILE A 311 26.26 8.09 -9.93
CA ILE A 311 27.35 9.07 -10.04
C ILE A 311 28.68 8.33 -10.27
N PHE A 312 28.99 7.37 -9.37
CA PHE A 312 30.21 6.56 -9.39
C PHE A 312 30.33 5.74 -10.67
N GLN A 313 29.17 5.29 -11.23
CA GLN A 313 29.13 4.54 -12.49
C GLN A 313 29.53 5.44 -13.64
N ASP A 314 28.97 6.67 -13.68
CA ASP A 314 29.31 7.68 -14.66
C ASP A 314 30.80 8.03 -14.61
N TYR A 315 31.38 8.15 -13.37
CA TYR A 315 32.80 8.42 -13.14
C TYR A 315 33.68 7.31 -13.71
N MET A 316 33.27 6.05 -13.52
CA MET A 316 34.03 4.90 -14.02
C MET A 316 34.06 4.87 -15.53
N LEU A 317 33.05 5.49 -16.20
CA LEU A 317 33.00 5.60 -17.66
C LEU A 317 33.99 6.66 -18.11
N THR A 318 34.05 7.83 -17.41
CA THR A 318 34.96 8.94 -17.71
C THR A 318 36.40 8.45 -17.74
N VAL A 319 36.74 7.63 -16.73
CA VAL A 319 38.06 7.05 -16.52
C VAL A 319 38.34 6.01 -17.62
N GLN A 320 37.38 5.12 -17.94
CA GLN A 320 37.64 4.10 -18.97
C GLN A 320 37.82 4.75 -20.38
N LYS A 321 37.00 5.78 -20.70
CA LYS A 321 37.02 6.57 -21.94
C LYS A 321 38.36 7.29 -22.08
N LYS A 322 38.91 7.80 -20.96
CA LYS A 322 40.21 8.46 -20.88
C LYS A 322 41.29 7.46 -21.26
N ILE A 323 41.22 6.23 -20.71
CA ILE A 323 42.15 5.12 -21.01
C ILE A 323 42.00 4.73 -22.51
N ALA A 324 40.76 4.52 -22.99
CA ALA A 324 40.41 4.16 -24.37
C ALA A 324 40.84 5.21 -25.38
N GLU A 325 40.86 6.49 -24.98
CA GLU A 325 41.25 7.61 -25.83
C GLU A 325 42.78 7.74 -25.91
N LYS A 326 43.49 7.61 -24.76
CA LYS A 326 44.94 7.76 -24.67
C LYS A 326 45.71 6.53 -25.19
N LEU A 327 45.14 5.32 -25.02
CA LEU A 327 45.73 4.04 -25.43
C LEU A 327 46.13 3.99 -26.94
N PRO A 328 45.29 4.40 -27.94
CA PRO A 328 45.74 4.35 -29.34
C PRO A 328 46.95 5.24 -29.58
N LEU A 329 46.93 6.48 -29.01
CA LEU A 329 47.97 7.51 -29.11
C LEU A 329 49.35 7.01 -28.64
N VAL A 330 49.42 6.37 -27.44
CA VAL A 330 50.67 5.80 -26.88
C VAL A 330 51.18 4.65 -27.81
N ARG A 331 50.25 3.86 -28.43
CA ARG A 331 50.56 2.76 -29.35
C ARG A 331 51.28 3.21 -30.64
N GLU A 337 52.85 8.25 -22.67
CA GLU A 337 52.81 7.38 -21.50
C GLU A 337 52.31 8.11 -20.23
N GLN A 338 52.81 9.33 -19.99
CA GLN A 338 52.44 10.15 -18.82
C GLN A 338 51.02 10.68 -18.93
N SER A 339 50.45 10.63 -20.15
CA SER A 339 49.06 10.99 -20.45
C SER A 339 48.10 10.03 -19.73
N LEU A 340 48.57 8.77 -19.56
CA LEU A 340 47.90 7.69 -18.85
C LEU A 340 48.01 7.93 -17.34
N GLN A 341 49.20 8.37 -16.87
CA GLN A 341 49.44 8.69 -15.47
C GLN A 341 48.57 9.87 -15.04
N LYS A 342 48.31 10.83 -15.97
CA LYS A 342 47.45 12.00 -15.73
C LYS A 342 46.07 11.57 -15.19
N ILE A 343 45.47 10.49 -15.79
CA ILE A 343 44.16 9.93 -15.39
C ILE A 343 44.22 9.49 -13.91
N ILE A 344 45.33 8.80 -13.51
CA ILE A 344 45.55 8.26 -12.17
C ILE A 344 45.70 9.41 -11.13
N ASP A 345 46.59 10.39 -11.43
CA ASP A 345 46.87 11.54 -10.58
C ASP A 345 45.63 12.43 -10.34
N ASP A 346 44.80 12.61 -11.39
CA ASP A 346 43.56 13.40 -11.32
C ASP A 346 42.59 12.82 -10.29
N ARG A 347 42.45 11.46 -10.24
CA ARG A 347 41.58 10.73 -9.30
C ARG A 347 41.96 11.04 -7.83
N ALA A 348 43.27 10.97 -7.52
CA ALA A 348 43.85 11.24 -6.20
C ALA A 348 43.66 12.69 -5.78
N GLN A 349 43.63 13.63 -6.74
CA GLN A 349 43.48 15.07 -6.52
C GLN A 349 42.01 15.53 -6.54
N SER A 350 41.09 14.68 -7.05
CA SER A 350 39.64 14.95 -7.19
C SER A 350 38.81 14.53 -5.96
N PRO A 351 37.51 14.93 -5.86
CA PRO A 351 36.67 14.44 -4.74
C PRO A 351 36.32 12.96 -4.89
N PHE A 352 36.83 12.32 -5.98
CA PHE A 352 36.68 10.91 -6.32
C PHE A 352 37.88 10.07 -5.83
N SER A 353 38.66 10.60 -4.84
CA SER A 353 39.80 9.92 -4.21
C SER A 353 39.36 8.67 -3.48
N ASN A 354 40.21 7.60 -3.45
CA ASN A 354 39.83 6.38 -2.70
C ASN A 354 39.53 6.75 -1.23
N GLU A 355 40.38 7.61 -0.62
CA GLU A 355 40.21 8.10 0.75
C GLU A 355 38.89 8.90 0.93
N LYS A 356 38.55 9.78 -0.04
CA LYS A 356 37.32 10.59 0.02
C LYS A 356 36.05 9.74 -0.07
N VAL A 357 35.96 8.91 -1.14
CA VAL A 357 34.83 8.03 -1.45
C VAL A 357 34.66 7.01 -0.30
N SER A 358 35.77 6.36 0.13
CA SER A 358 35.78 5.38 1.24
C SER A 358 35.18 6.01 2.51
N LYS A 359 35.65 7.23 2.85
CA LYS A 359 35.23 8.01 4.01
C LYS A 359 33.70 8.20 4.01
N TRP A 360 33.14 8.58 2.85
CA TRP A 360 31.71 8.79 2.66
C TRP A 360 30.95 7.49 2.90
N LEU A 361 31.40 6.40 2.26
CA LEU A 361 30.79 5.09 2.42
C LEU A 361 30.86 4.65 3.90
N ASP A 362 31.92 5.07 4.67
CA ASP A 362 32.04 4.79 6.11
C ASP A 362 30.88 5.49 6.89
N ALA A 363 30.51 6.71 6.44
CA ALA A 363 29.47 7.50 7.05
C ALA A 363 28.08 6.98 6.69
N VAL A 364 27.82 6.64 5.41
CA VAL A 364 26.50 6.14 5.02
C VAL A 364 26.29 4.76 5.71
N GLU A 365 27.39 3.96 5.90
CA GLU A 365 27.32 2.68 6.58
C GLU A 365 26.96 2.84 8.07
N ARG A 366 27.50 3.91 8.72
CA ARG A 366 27.20 4.24 10.12
C ARG A 366 25.74 4.76 10.24
N GLU A 367 25.25 5.52 9.25
CA GLU A 367 23.86 5.96 9.27
C GLU A 367 22.95 4.72 9.33
N ILE A 368 23.13 3.78 8.34
CA ILE A 368 22.40 2.50 8.22
C ILE A 368 22.50 1.72 9.54
N ALA A 369 23.69 1.78 10.20
CA ALA A 369 23.96 1.10 11.46
C ALA A 369 23.11 1.63 12.60
N VAL A 370 23.03 2.97 12.73
CA VAL A 370 22.27 3.63 13.81
C VAL A 370 20.77 3.44 13.57
N LEU A 371 20.30 3.70 12.35
CA LEU A 371 18.88 3.56 12.01
C LEU A 371 18.45 2.12 12.24
N LYS A 372 19.35 1.15 11.97
CA LYS A 372 19.07 -0.27 12.17
C LYS A 372 18.85 -0.57 13.66
N SER A 373 19.69 0.04 14.53
CA SER A 373 19.63 -0.12 15.99
C SER A 373 18.28 0.33 16.55
N CYS A 374 17.77 1.48 16.03
CA CYS A 374 16.52 2.06 16.48
C CYS A 374 15.36 1.28 15.89
N ALA A 375 15.32 1.13 14.56
CA ALA A 375 14.23 0.44 13.88
C ALA A 375 14.09 -1.03 14.32
N GLY A 376 15.22 -1.65 14.69
CA GLY A 376 15.26 -3.02 15.14
C GLY A 376 14.45 -3.29 16.40
N MET A 377 14.30 -2.25 17.24
CA MET A 377 13.58 -2.31 18.52
C MET A 377 12.09 -2.60 18.35
N VAL A 378 11.46 -1.94 17.35
CA VAL A 378 10.01 -2.00 17.03
C VAL A 378 9.65 -3.24 16.17
N GLU A 379 10.66 -4.02 15.76
CA GLU A 379 10.46 -5.22 14.96
C GLU A 379 9.62 -6.28 15.72
N GLY A 380 8.67 -6.86 14.99
CA GLY A 380 7.77 -7.91 15.47
C GLY A 380 6.54 -7.39 16.18
N THR A 381 6.34 -6.06 16.18
CA THR A 381 5.19 -5.39 16.82
C THR A 381 4.26 -4.81 15.74
N GLN A 382 3.15 -4.17 16.18
CA GLN A 382 2.16 -3.60 15.24
C GLN A 382 2.61 -2.24 14.62
N ALA A 383 3.87 -1.78 14.89
CA ALA A 383 4.39 -0.54 14.32
C ALA A 383 4.64 -0.75 12.83
N LYS A 384 4.27 0.24 12.00
CA LYS A 384 4.33 0.11 10.55
C LYS A 384 5.30 1.11 9.93
N PHE A 385 6.09 0.67 8.96
CA PHE A 385 6.99 1.57 8.22
C PHE A 385 6.21 2.25 7.15
N VAL A 386 6.44 3.54 6.91
CA VAL A 386 5.77 4.28 5.84
C VAL A 386 6.83 5.05 5.09
N SER A 387 6.68 5.09 3.77
CA SER A 387 7.68 5.62 2.86
C SER A 387 7.78 7.14 2.82
N ASN A 388 6.68 7.86 2.96
CA ASN A 388 6.71 9.32 2.84
C ASN A 388 5.55 9.96 3.57
N GLN A 389 5.48 11.30 3.52
CA GLN A 389 4.41 12.07 4.13
C GLN A 389 3.04 11.66 3.59
N THR A 390 2.92 11.43 2.24
CA THR A 390 1.67 11.02 1.60
C THR A 390 1.17 9.72 2.27
N GLU A 391 2.08 8.79 2.58
CA GLU A 391 1.72 7.52 3.19
C GLU A 391 1.39 7.70 4.66
N LEU A 392 2.19 8.52 5.38
CA LEU A 392 1.95 8.78 6.78
C LEU A 392 0.59 9.45 6.93
N ASP A 393 0.26 10.42 6.02
CA ASP A 393 -1.01 11.14 5.98
C ASP A 393 -2.15 10.17 5.89
N ARG A 394 -2.11 9.23 4.93
CA ARG A 394 -3.12 8.21 4.74
C ARG A 394 -3.35 7.42 6.00
N GLU A 395 -2.31 6.94 6.63
CA GLU A 395 -2.38 6.12 7.84
C GLU A 395 -2.98 6.88 9.02
N VAL A 396 -2.53 8.13 9.26
CA VAL A 396 -3.00 8.93 10.38
C VAL A 396 -4.39 9.46 10.12
N LEU A 397 -4.72 9.79 8.84
CA LEU A 397 -6.03 10.35 8.49
C LEU A 397 -7.22 9.36 8.65
N VAL A 398 -6.99 8.02 8.78
CA VAL A 398 -8.06 7.03 8.98
C VAL A 398 -8.86 7.36 10.23
N GLY A 399 -10.18 7.13 10.13
CA GLY A 399 -11.16 7.36 11.18
C GLY A 399 -10.74 6.70 12.47
N LYS A 400 -10.45 5.40 12.38
CA LYS A 400 -10.10 4.57 13.52
C LYS A 400 -8.85 5.00 14.32
N VAL A 401 -7.82 5.60 13.65
CA VAL A 401 -6.54 6.03 14.23
C VAL A 401 -6.74 7.42 14.90
N LYS A 402 -7.25 7.43 16.15
CA LYS A 402 -7.56 8.66 16.91
C LYS A 402 -6.30 9.26 17.50
N HIS A 403 -5.30 8.39 17.79
CA HIS A 403 -3.97 8.71 18.32
C HIS A 403 -2.92 7.99 17.51
N ALA A 404 -2.01 8.76 16.89
CA ALA A 404 -0.94 8.20 16.08
C ALA A 404 0.36 8.79 16.49
N VAL A 405 1.23 7.96 17.05
CA VAL A 405 2.57 8.39 17.44
C VAL A 405 3.53 7.67 16.45
N CYS A 406 4.27 8.48 15.64
CA CYS A 406 5.23 8.00 14.62
C CYS A 406 6.72 8.32 14.98
N PHE A 407 7.59 7.28 14.96
CA PHE A 407 9.03 7.45 15.21
C PHE A 407 9.68 7.81 13.89
N ILE A 408 10.26 8.99 13.84
CA ILE A 408 10.79 9.49 12.60
C ILE A 408 12.24 9.90 12.67
N PHE A 409 12.99 9.53 11.63
CA PHE A 409 14.39 9.88 11.49
C PHE A 409 14.44 11.24 10.79
N THR A 410 14.94 12.24 11.54
CA THR A 410 14.97 13.64 11.15
C THR A 410 16.30 14.08 10.53
N SER A 411 17.41 13.35 10.76
CA SER A 411 18.71 13.81 10.31
C SER A 411 19.24 13.25 8.97
N VAL A 412 18.56 12.27 8.35
CA VAL A 412 19.00 11.75 7.04
C VAL A 412 18.56 12.79 5.99
N GLU A 413 19.54 13.40 5.30
CA GLU A 413 19.32 14.48 4.31
C GLU A 413 18.74 14.00 3.00
N ARG A 414 17.81 14.82 2.45
CA ARG A 414 17.15 14.53 1.18
C ARG A 414 18.10 14.77 0.01
N ASN A 415 19.03 15.76 0.14
CA ASN A 415 20.02 16.04 -0.91
C ASN A 415 21.45 16.09 -0.32
N ASP A 416 22.20 14.98 -0.47
CA ASP A 416 23.55 14.84 0.09
C ASP A 416 24.53 15.88 -0.50
N PRO A 417 25.13 16.71 0.39
CA PRO A 417 26.06 17.75 -0.07
C PRO A 417 27.34 17.22 -0.72
N TYR A 418 27.79 16.03 -0.33
CA TYR A 418 29.00 15.43 -0.92
C TYR A 418 28.69 14.88 -2.31
N LEU A 419 27.49 14.28 -2.49
CA LEU A 419 27.02 13.73 -3.78
C LEU A 419 26.73 14.87 -4.78
N LYS A 420 26.60 16.12 -4.27
CA LYS A 420 26.45 17.34 -5.06
C LYS A 420 27.82 17.67 -5.63
N VAL A 421 28.86 17.66 -4.75
CA VAL A 421 30.26 17.93 -5.12
C VAL A 421 30.63 17.03 -6.28
N LEU A 422 30.39 15.72 -6.08
CA LEU A 422 30.64 14.64 -7.02
C LEU A 422 29.95 14.90 -8.37
N SER A 423 28.65 15.30 -8.34
CA SER A 423 27.91 15.63 -9.55
C SER A 423 28.51 16.86 -10.19
N ASP A 424 28.67 17.94 -9.40
CA ASP A 424 29.26 19.20 -9.83
C ASP A 424 30.66 18.99 -10.41
N TYR A 425 31.42 18.00 -9.90
CA TYR A 425 32.76 17.68 -10.43
C TYR A 425 32.62 17.06 -11.82
N TRP A 426 31.65 16.14 -12.01
CA TRP A 426 31.39 15.46 -13.27
C TRP A 426 30.95 16.46 -14.36
N GLU A 427 30.18 17.52 -13.97
CA GLU A 427 29.74 18.59 -14.89
C GLU A 427 30.65 19.83 -14.71
N SER A 428 31.83 19.84 -15.40
CA SER A 428 32.82 20.93 -15.31
C SER A 428 33.84 20.80 -16.43
N SER A 440 33.29 16.54 4.75
CA SER A 440 33.46 16.78 6.18
C SER A 440 32.43 15.96 7.01
N THR A 441 32.79 14.68 7.30
CA THR A 441 31.98 13.73 8.08
C THR A 441 32.29 13.85 9.60
N GLU A 442 33.25 14.75 9.96
CA GLU A 442 33.72 15.07 11.32
C GLU A 442 32.54 15.19 12.29
N ASP A 443 31.69 16.16 12.01
CA ASP A 443 30.53 16.61 12.76
C ASP A 443 29.19 15.93 12.34
N LYS A 444 29.23 14.87 11.48
CA LYS A 444 28.05 14.10 11.00
C LYS A 444 27.22 13.58 12.20
N TRP A 445 25.88 13.66 12.10
CA TRP A 445 24.96 13.27 13.18
C TRP A 445 25.21 11.85 13.79
N CYS A 446 25.45 10.84 12.94
CA CYS A 446 25.63 9.45 13.35
C CYS A 446 26.99 9.24 14.11
N PHE A 447 27.84 10.28 14.08
CA PHE A 447 29.13 10.27 14.77
C PHE A 447 29.06 11.18 16.00
N SER A 448 27.89 11.24 16.64
CA SER A 448 27.75 12.06 17.82
C SER A 448 27.29 11.22 18.99
N THR A 449 28.12 11.17 20.06
CA THR A 449 27.82 10.42 21.27
C THR A 449 26.45 10.84 21.78
N GLU A 450 26.25 12.15 21.95
CA GLU A 450 25.01 12.77 22.43
C GLU A 450 23.81 12.45 21.54
N VAL A 451 23.90 12.76 20.24
CA VAL A 451 22.82 12.58 19.26
C VAL A 451 22.38 11.12 19.24
N VAL A 452 23.29 10.16 19.03
CA VAL A 452 22.96 8.73 18.95
C VAL A 452 22.40 8.22 20.30
N LEU A 453 22.97 8.66 21.45
CA LEU A 453 22.48 8.25 22.77
C LEU A 453 21.04 8.71 23.02
N LYS A 454 20.76 9.98 22.71
CA LYS A 454 19.45 10.58 22.97
C LYS A 454 18.36 9.99 22.06
N MET A 455 18.76 9.64 20.84
CA MET A 455 17.94 9.04 19.80
C MET A 455 17.62 7.62 20.18
N GLN A 456 18.58 6.88 20.75
CA GLN A 456 18.39 5.49 21.19
C GLN A 456 17.44 5.43 22.40
N GLN A 457 17.55 6.44 23.30
CA GLN A 457 16.70 6.60 24.47
C GLN A 457 15.26 6.86 24.03
N ARG A 458 15.09 7.69 22.97
CA ARG A 458 13.78 8.03 22.39
C ARG A 458 13.16 6.80 21.69
N ALA A 459 13.99 6.00 20.99
CA ALA A 459 13.56 4.79 20.29
C ALA A 459 12.98 3.80 21.30
N GLN A 460 13.53 3.81 22.53
CA GLN A 460 13.03 2.98 23.61
C GLN A 460 11.74 3.56 24.13
N THR A 461 11.67 4.90 24.34
CA THR A 461 10.44 5.56 24.80
C THR A 461 9.28 5.14 23.90
N PHE A 462 9.52 5.19 22.58
CA PHE A 462 8.62 4.78 21.51
C PHE A 462 8.18 3.32 21.73
N CYS A 463 9.12 2.37 21.80
CA CYS A 463 8.82 0.94 22.04
C CYS A 463 7.94 0.70 23.24
N ASP A 464 8.20 1.44 24.33
CA ASP A 464 7.46 1.36 25.56
C ASP A 464 6.00 1.65 25.28
N HIS A 465 5.70 2.72 24.51
CA HIS A 465 4.33 3.06 24.11
C HIS A 465 3.73 1.95 23.25
N VAL A 466 4.50 1.45 22.25
CA VAL A 466 4.05 0.38 21.35
C VAL A 466 3.50 -0.81 22.18
N ASN A 467 4.30 -1.33 23.14
CA ASN A 467 3.94 -2.47 24.01
C ASN A 467 2.85 -2.10 24.98
N ASP A 468 2.90 -0.87 25.56
CA ASP A 468 1.89 -0.41 26.51
C ASP A 468 0.52 -0.36 25.82
N PHE A 469 0.44 0.30 24.63
CA PHE A 469 -0.77 0.51 23.83
C PHE A 469 -0.94 -0.53 22.70
N GLU A 470 -0.70 -1.80 23.06
CA GLU A 470 -0.78 -2.94 22.17
C GLU A 470 -2.25 -3.28 21.92
N LYS A 471 -3.07 -3.21 22.96
CA LYS A 471 -4.49 -3.56 22.83
C LYS A 471 -5.37 -2.31 22.65
N SER A 472 -4.78 -1.13 22.40
CA SER A 472 -5.51 0.13 22.18
C SER A 472 -5.86 0.28 20.69
N ARG A 473 -7.10 -0.04 20.33
CA ARG A 473 -7.65 -0.09 18.97
C ARG A 473 -7.65 1.25 18.23
N ASN A 474 -7.53 2.36 18.97
CA ASN A 474 -7.57 3.69 18.37
C ASN A 474 -6.19 4.37 18.40
N VAL A 475 -5.14 3.63 18.78
CA VAL A 475 -3.77 4.12 18.82
C VAL A 475 -2.96 3.33 17.75
N GLY A 476 -2.35 4.09 16.83
CA GLY A 476 -1.55 3.58 15.72
C GLY A 476 -0.10 3.97 15.84
N PHE A 477 0.82 3.04 15.51
CA PHE A 477 2.26 3.28 15.60
C PHE A 477 2.90 3.11 14.22
N PHE A 478 3.77 4.08 13.84
CA PHE A 478 4.40 4.08 12.52
C PHE A 478 5.86 4.56 12.59
N ILE A 479 6.63 4.29 11.52
CA ILE A 479 8.05 4.70 11.41
C ILE A 479 8.29 5.24 10.02
N THR A 480 9.02 6.32 9.94
CA THR A 480 9.40 6.91 8.66
C THR A 480 10.64 7.75 8.89
N ALA A 481 11.19 8.30 7.81
CA ALA A 481 12.31 9.21 7.85
C ALA A 481 11.91 10.43 7.04
N LEU A 482 11.75 11.58 7.71
CA LEU A 482 11.42 12.86 7.07
C LEU A 482 12.39 13.86 7.61
N GLU A 483 13.26 14.39 6.74
CA GLU A 483 14.30 15.35 7.09
C GLU A 483 13.70 16.57 7.78
N ASN A 484 14.04 16.78 9.07
CA ASN A 484 13.58 17.92 9.85
C ASN A 484 14.75 18.54 10.58
N GLY A 485 15.06 19.78 10.20
CA GLY A 485 16.16 20.56 10.77
C GLY A 485 16.07 20.82 12.25
N LYS A 486 14.81 20.94 12.74
CA LYS A 486 14.47 21.19 14.14
C LYS A 486 14.99 20.09 15.08
N PHE A 487 15.13 18.83 14.61
CA PHE A 487 15.55 17.69 15.46
C PHE A 487 16.73 16.92 14.92
N GLN A 488 17.55 16.39 15.83
CA GLN A 488 18.75 15.65 15.49
C GLN A 488 18.59 14.16 15.75
N GLY A 489 18.93 13.38 14.75
CA GLY A 489 18.87 11.93 14.80
C GLY A 489 17.48 11.48 14.48
N ALA A 490 16.57 11.63 15.45
CA ALA A 490 15.17 11.22 15.35
C ALA A 490 14.27 11.95 16.36
N SER A 491 12.94 11.86 16.14
CA SER A 491 11.91 12.43 17.01
C SER A 491 10.59 11.59 16.97
N ILE A 492 9.58 11.97 17.79
CA ILE A 492 8.29 11.28 17.81
C ILE A 492 7.19 12.27 17.41
N TYR A 493 6.58 12.07 16.24
CA TYR A 493 5.49 12.97 15.81
C TYR A 493 4.21 12.42 16.39
N TYR A 494 3.25 13.30 16.69
CA TYR A 494 1.98 12.84 17.20
C TYR A 494 0.87 13.54 16.44
N TYR A 495 -0.06 12.72 15.92
CA TYR A 495 -1.25 13.11 15.17
C TYR A 495 -2.49 12.75 15.94
N LYS A 496 -3.22 13.78 16.40
CA LYS A 496 -4.49 13.65 17.13
C LYS A 496 -5.64 13.85 16.14
N GLU A 497 -6.45 12.78 15.94
CA GLU A 497 -7.59 12.75 15.03
C GLU A 497 -7.22 13.31 13.63
N GLY A 498 -6.18 12.72 13.04
CA GLY A 498 -5.72 13.03 11.68
C GLY A 498 -4.91 14.29 11.47
N SER A 499 -4.82 15.17 12.50
CA SER A 499 -4.11 16.45 12.43
C SER A 499 -2.88 16.41 13.31
N LEU A 500 -1.73 16.95 12.83
CA LEU A 500 -0.49 16.99 13.60
C LEU A 500 -0.62 17.86 14.86
N ALA A 501 -0.34 17.25 16.03
CA ALA A 501 -0.36 17.89 17.34
C ALA A 501 1.01 18.43 17.70
N THR A 502 2.06 17.58 17.57
CA THR A 502 3.45 17.88 17.91
C THR A 502 4.42 17.03 17.09
N GLN A 503 5.63 17.55 16.90
CA GLN A 503 6.70 16.85 16.22
C GLN A 503 7.70 16.30 17.24
N ASP A 504 7.40 16.51 18.55
CA ASP A 504 8.27 16.16 19.67
C ASP A 504 7.44 15.62 20.84
N PHE A 505 6.88 14.43 20.66
CA PHE A 505 6.05 13.77 21.66
C PHE A 505 6.87 12.91 22.63
N THR A 506 6.47 12.89 23.91
CA THR A 506 7.11 12.02 24.91
C THR A 506 6.06 11.08 25.57
N PHE A 507 4.94 11.65 26.05
CA PHE A 507 3.93 10.86 26.74
C PHE A 507 2.57 11.51 26.64
N PRO A 508 1.46 10.74 26.63
CA PRO A 508 0.16 11.39 26.62
C PRO A 508 -0.13 11.95 28.00
N ARG A 509 -0.33 13.29 28.13
CA ARG A 509 -0.65 13.90 29.43
C ARG A 509 -2.13 13.74 29.72
N MET A 510 -2.43 13.17 30.87
CA MET A 510 -3.78 12.82 31.28
C MET A 510 -4.15 13.47 32.58
N PRO A 511 -5.44 13.72 32.83
CA PRO A 511 -5.79 14.21 34.17
C PRO A 511 -5.93 13.00 35.11
N PHE A 512 -6.25 13.27 36.38
CA PHE A 512 -6.58 12.22 37.33
C PHE A 512 -7.97 11.70 36.87
N VAL A 513 -8.24 10.40 37.10
CA VAL A 513 -9.45 9.67 36.65
C VAL A 513 -10.78 10.46 36.80
N GLN A 514 -10.95 11.32 37.83
CA GLN A 514 -12.19 12.07 38.07
C GLN A 514 -12.29 13.34 37.19
N GLY A 515 -11.15 13.75 36.63
CA GLY A 515 -11.05 14.96 35.83
C GLY A 515 -11.10 14.75 34.33
N TYR A 516 -11.56 13.56 33.85
CA TYR A 516 -11.67 13.31 32.40
C TYR A 516 -12.88 14.08 31.85
N LYS A 517 -12.63 14.98 30.86
CA LYS A 517 -13.72 15.78 30.23
C LYS A 517 -13.74 15.55 28.71
N LYS A 518 -12.57 15.29 28.11
CA LYS A 518 -12.46 15.06 26.66
C LYS A 518 -12.47 13.56 26.36
N ARG A 519 -13.40 13.09 25.49
CA ARG A 519 -13.48 11.66 25.18
C ARG A 519 -12.14 11.16 24.60
N SER A 520 -11.50 11.95 23.70
CA SER A 520 -10.21 11.65 23.05
C SER A 520 -9.17 11.07 24.02
N ASP A 521 -9.00 11.69 25.19
CA ASP A 521 -8.03 11.27 26.18
C ASP A 521 -8.24 9.83 26.59
N LEU A 522 -9.49 9.41 26.81
CA LEU A 522 -9.82 8.03 27.19
C LEU A 522 -9.63 7.04 26.03
N LEU A 523 -9.63 7.53 24.77
CA LEU A 523 -9.49 6.66 23.60
C LEU A 523 -8.06 6.12 23.44
N TRP A 524 -7.10 6.69 24.21
CA TRP A 524 -5.74 6.16 24.26
C TRP A 524 -5.79 4.70 24.79
N TYR A 525 -6.71 4.43 25.75
CA TYR A 525 -6.90 3.15 26.43
C TYR A 525 -8.11 2.32 25.94
N ALA A 526 -8.87 2.87 24.97
CA ALA A 526 -10.03 2.21 24.38
C ALA A 526 -9.65 0.90 23.68
N CYS A 527 -10.23 -0.22 24.15
CA CYS A 527 -10.01 -1.56 23.63
C CYS A 527 -11.35 -2.25 23.21
N ASP A 528 -11.24 -3.36 22.42
CA ASP A 528 -12.35 -4.17 21.92
C ASP A 528 -12.73 -5.22 22.95
N LEU A 529 -14.02 -5.25 23.30
CA LEU A 529 -14.54 -6.23 24.25
C LEU A 529 -15.50 -7.19 23.54
N THR A 530 -15.64 -8.41 24.09
CA THR A 530 -16.48 -9.42 23.50
C THR A 530 -17.11 -10.29 24.62
N PHE A 531 -18.40 -10.66 24.48
CA PHE A 531 -19.07 -11.50 25.50
C PHE A 531 -18.57 -12.94 25.44
N ASP A 532 -18.37 -13.55 26.63
CA ASP A 532 -17.90 -14.93 26.77
C ASP A 532 -19.08 -15.86 26.75
N ARG A 533 -19.19 -16.63 25.66
CA ARG A 533 -20.31 -17.52 25.43
C ARG A 533 -20.36 -18.66 26.43
N ASN A 534 -19.34 -18.78 27.28
CA ASN A 534 -19.31 -19.83 28.28
C ASN A 534 -19.94 -19.34 29.55
N THR A 535 -20.05 -18.05 29.75
CA THR A 535 -20.66 -17.60 31.00
C THR A 535 -22.10 -17.10 30.82
N ILE A 536 -22.50 -16.74 29.59
CA ILE A 536 -23.79 -16.17 29.23
C ILE A 536 -24.93 -17.00 29.78
N ASN A 537 -25.79 -16.37 30.57
CA ASN A 537 -26.95 -17.01 31.19
C ASN A 537 -27.95 -17.43 30.13
N ASN A 538 -28.59 -18.59 30.36
CA ASN A 538 -29.55 -19.28 29.50
C ASN A 538 -30.64 -18.37 28.93
N TRP A 539 -31.07 -17.33 29.68
CA TRP A 539 -32.14 -16.44 29.25
C TRP A 539 -31.61 -15.13 28.57
N ILE A 540 -30.28 -14.88 28.58
CA ILE A 540 -29.73 -13.70 27.89
C ILE A 540 -29.40 -14.13 26.46
N SER A 541 -29.97 -13.44 25.48
CA SER A 541 -29.71 -13.69 24.06
C SER A 541 -28.53 -12.84 23.62
N LEU A 542 -27.63 -13.38 22.78
CA LEU A 542 -26.47 -12.62 22.31
C LEU A 542 -26.50 -12.35 20.81
N SER A 543 -25.70 -11.36 20.35
CA SER A 543 -25.54 -11.02 18.94
C SER A 543 -24.66 -12.07 18.25
N ASN A 545 -22.11 -11.69 16.38
CA ASN A 545 -20.82 -11.01 16.50
C ASN A 545 -20.31 -10.96 17.97
N ASP A 546 -21.20 -11.31 18.95
CA ASP A 546 -20.94 -11.37 20.40
C ASP A 546 -20.66 -10.00 21.01
N THR A 547 -21.34 -8.96 20.51
CA THR A 547 -21.17 -7.57 20.95
C THR A 547 -22.54 -6.98 21.42
N PHE A 548 -23.62 -7.79 21.50
CA PHE A 548 -24.93 -7.26 21.93
C PHE A 548 -25.80 -8.28 22.71
N ALA A 549 -26.07 -7.95 23.98
CA ALA A 549 -26.82 -8.76 24.93
C ALA A 549 -28.19 -8.15 25.28
N ALA A 550 -29.26 -8.93 25.12
CA ALA A 550 -30.66 -8.58 25.42
C ALA A 550 -31.30 -9.78 26.11
N SER A 551 -31.97 -9.55 27.27
CA SER A 551 -32.64 -10.63 28.05
C SER A 551 -33.98 -11.00 27.45
N GLU A 552 -34.28 -12.31 27.39
CA GLU A 552 -35.53 -12.80 26.84
C GLU A 552 -36.60 -12.80 27.96
N HIS A 553 -37.87 -12.61 27.58
CA HIS A 553 -38.99 -12.58 28.53
C HIS A 553 -39.51 -14.01 28.81
N GLY A 554 -39.60 -14.80 27.74
CA GLY A 554 -39.96 -16.20 27.68
C GLY A 554 -39.08 -16.77 26.59
N LYS A 555 -39.29 -18.04 26.17
CA LYS A 555 -38.51 -18.70 25.10
C LYS A 555 -36.97 -18.55 25.32
N ARG A 556 -36.47 -19.28 26.33
CA ARG A 556 -35.07 -19.37 26.77
C ARG A 556 -34.15 -20.02 25.71
N GLN A 557 -32.90 -19.52 25.63
CA GLN A 557 -31.85 -19.96 24.70
C GLN A 557 -31.08 -21.22 25.16
N ASN A 558 -30.75 -22.08 24.19
CA ASN A 558 -29.98 -23.32 24.44
C ASN A 558 -28.48 -23.04 24.37
N TYR A 559 -27.81 -23.13 25.53
CA TYR A 559 -26.36 -22.87 25.63
C TYR A 559 -25.65 -24.10 26.23
N PRO A 560 -24.49 -24.51 25.65
CA PRO A 560 -23.82 -25.72 26.13
C PRO A 560 -23.44 -25.69 27.61
N LYS A 561 -23.53 -26.86 28.29
CA LYS A 561 -23.24 -27.06 29.72
C LYS A 561 -21.75 -26.86 30.03
N HIS A 562 -21.40 -25.71 30.67
CA HIS A 562 -20.03 -25.37 31.07
C HIS A 562 -19.98 -24.93 32.53
N PRO A 563 -18.97 -25.39 33.34
CA PRO A 563 -18.90 -24.99 34.77
C PRO A 563 -18.82 -23.48 34.92
N GLU A 564 -18.15 -22.87 33.94
CA GLU A 564 -18.02 -21.44 33.72
C GLU A 564 -19.36 -21.12 33.06
N ARG A 565 -20.36 -20.52 33.80
CA ARG A 565 -21.74 -20.14 33.36
C ARG A 565 -22.65 -19.80 34.53
N PHE A 566 -23.48 -18.74 34.35
CA PHE A 566 -24.45 -18.38 35.37
C PHE A 566 -25.71 -19.23 35.21
N VAL A 567 -26.05 -19.99 36.27
CA VAL A 567 -27.17 -20.94 36.25
C VAL A 567 -28.50 -20.25 36.61
N SER A 568 -28.52 -19.31 37.57
CA SER A 568 -29.77 -18.71 38.03
C SER A 568 -29.73 -17.17 38.14
N PHE A 569 -28.93 -16.50 37.29
CA PHE A 569 -28.83 -15.03 37.25
C PHE A 569 -28.67 -14.54 35.85
N ASN A 570 -29.37 -13.46 35.51
CA ASN A 570 -29.25 -12.83 34.20
C ASN A 570 -27.92 -12.02 34.15
N GLN A 571 -26.77 -12.74 34.26
CA GLN A 571 -25.41 -12.20 34.29
C GLN A 571 -24.52 -12.79 33.16
N VAL A 572 -23.56 -11.99 32.67
CA VAL A 572 -22.59 -12.30 31.61
C VAL A 572 -21.26 -11.60 31.88
N LEU A 573 -20.16 -12.23 31.47
CA LEU A 573 -18.80 -11.70 31.60
C LEU A 573 -18.17 -11.62 30.21
N CYS A 574 -17.14 -10.80 30.08
CA CYS A 574 -16.40 -10.71 28.81
C CYS A 574 -15.29 -11.78 28.77
N ASN A 575 -14.58 -11.87 27.64
CA ASN A 575 -13.51 -12.83 27.46
C ASN A 575 -12.17 -12.27 27.90
N GLU A 576 -12.06 -10.95 27.77
CA GLU A 576 -10.88 -10.17 28.03
C GLU A 576 -10.64 -9.96 29.52
N GLY A 577 -9.51 -10.47 30.00
CA GLY A 577 -9.03 -10.29 31.36
C GLY A 577 -8.14 -9.07 31.36
N LEU A 578 -8.51 -8.03 32.12
CA LEU A 578 -7.79 -6.76 32.13
C LEU A 578 -6.80 -6.66 33.28
N MET A 579 -5.52 -6.35 32.93
CA MET A 579 -4.39 -6.26 33.85
C MET A 579 -3.80 -4.83 34.02
N GLY A 580 -4.42 -3.83 33.37
CA GLY A 580 -3.95 -2.44 33.46
C GLY A 580 -4.99 -1.39 33.17
N LYS A 581 -4.62 -0.34 32.38
CA LYS A 581 -5.47 0.80 32.00
C LYS A 581 -6.32 0.46 30.80
N HIS A 582 -7.65 0.47 30.97
CA HIS A 582 -8.57 0.12 29.88
C HIS A 582 -9.85 0.93 29.98
N TYR A 583 -10.33 1.37 28.80
CA TYR A 583 -11.56 2.13 28.61
C TYR A 583 -12.50 1.41 27.66
N TRP A 584 -13.80 1.35 28.03
CA TRP A 584 -14.82 0.76 27.18
C TRP A 584 -16.16 1.46 27.34
N GLU A 585 -16.90 1.56 26.23
CA GLU A 585 -18.19 2.22 26.15
C GLU A 585 -19.28 1.19 25.92
N VAL A 586 -20.46 1.48 26.43
CA VAL A 586 -21.60 0.59 26.37
C VAL A 586 -22.90 1.41 26.17
N GLU A 587 -23.79 0.93 25.26
CA GLU A 587 -25.11 1.53 25.03
C GLU A 587 -26.12 0.70 25.81
N TRP A 588 -26.51 1.21 26.98
CA TRP A 588 -27.31 0.42 27.91
C TRP A 588 -28.75 0.94 28.08
N ASN A 589 -29.67 0.03 28.36
CA ASN A 589 -31.08 0.37 28.52
C ASN A 589 -31.75 -0.54 29.55
N GLY A 590 -32.75 0.00 30.23
CA GLY A 590 -33.53 -0.75 31.21
C GLY A 590 -32.84 -0.97 32.53
N TYR A 591 -33.08 -2.15 33.13
CA TYR A 591 -32.54 -2.57 34.42
C TYR A 591 -31.28 -3.37 34.16
N ILE A 592 -30.11 -2.70 34.35
CA ILE A 592 -28.77 -3.28 34.12
C ILE A 592 -27.70 -2.66 34.98
N ASP A 593 -26.59 -3.38 35.10
CA ASP A 593 -25.40 -2.91 35.78
C ASP A 593 -24.17 -3.24 34.93
N VAL A 594 -23.18 -2.36 35.01
CA VAL A 594 -21.93 -2.50 34.30
C VAL A 594 -20.85 -2.42 35.35
N GLY A 595 -19.88 -3.31 35.26
CA GLY A 595 -18.80 -3.34 36.21
C GLY A 595 -17.71 -4.31 35.82
N ILE A 596 -17.05 -4.90 36.84
CA ILE A 596 -15.92 -5.81 36.74
C ILE A 596 -16.07 -6.94 37.77
N ALA A 597 -15.37 -8.08 37.56
CA ALA A 597 -15.37 -9.27 38.43
C ALA A 597 -14.21 -10.20 38.15
N TYR A 598 -13.65 -10.83 39.21
CA TYR A 598 -12.56 -11.82 39.07
C TYR A 598 -13.11 -13.08 38.39
N ILE A 599 -12.29 -13.85 37.61
CA ILE A 599 -12.83 -15.11 37.03
C ILE A 599 -13.21 -16.06 38.18
N SER A 600 -12.55 -15.92 39.35
CA SER A 600 -12.82 -16.70 40.55
C SER A 600 -14.13 -16.23 41.25
N ILE A 601 -15.22 -16.03 40.47
CA ILE A 601 -16.53 -15.64 40.98
C ILE A 601 -17.47 -16.79 40.73
N PRO A 602 -18.47 -16.98 41.62
CA PRO A 602 -19.38 -18.11 41.46
C PRO A 602 -20.31 -17.91 40.29
N ARG A 603 -20.57 -19.02 39.63
CA ARG A 603 -21.39 -19.11 38.45
C ARG A 603 -22.65 -19.92 38.74
N LYS A 604 -22.63 -20.78 39.79
CA LYS A 604 -23.78 -21.65 40.06
C LYS A 604 -24.58 -21.32 41.35
N ILE A 606 -28.02 -19.68 42.52
CA ILE A 606 -28.54 -18.41 42.99
C ILE A 606 -28.14 -18.18 44.45
N ASP A 607 -26.90 -17.78 44.66
CA ASP A 607 -26.46 -17.50 46.00
C ASP A 607 -25.90 -16.06 46.13
N PHE A 608 -25.69 -15.67 47.39
CA PHE A 608 -25.16 -14.39 47.84
C PHE A 608 -23.82 -14.10 47.17
N ALA A 609 -22.98 -15.15 47.02
CA ALA A 609 -21.63 -15.15 46.45
C ALA A 609 -21.59 -15.01 44.90
N SER A 610 -22.64 -15.44 44.17
CA SER A 610 -22.70 -15.38 42.69
C SER A 610 -23.36 -14.09 42.12
N ALA A 611 -23.92 -13.19 42.96
CA ALA A 611 -24.55 -11.97 42.46
C ALA A 611 -23.61 -10.77 42.58
N PHE A 612 -23.44 -10.03 41.48
CA PHE A 612 -22.55 -8.85 41.42
C PHE A 612 -22.79 -7.87 42.52
N GLY A 613 -21.71 -7.39 43.10
CA GLY A 613 -21.79 -6.44 44.18
C GLY A 613 -22.20 -7.05 45.50
N TYR A 614 -22.31 -8.38 45.55
CA TYR A 614 -22.62 -9.13 46.76
C TYR A 614 -21.46 -10.14 47.04
N ASN A 615 -20.30 -9.87 46.40
CA ASN A 615 -19.01 -10.57 46.51
C ASN A 615 -17.94 -9.58 46.94
N THR A 616 -16.77 -10.09 47.32
CA THR A 616 -15.56 -9.32 47.62
C THR A 616 -14.80 -9.25 46.27
N TYR A 617 -15.33 -9.99 45.29
CA TYR A 617 -14.84 -10.23 43.95
C TYR A 617 -15.59 -9.47 42.81
N SER A 618 -16.64 -8.68 43.14
CA SER A 618 -17.44 -7.94 42.13
C SER A 618 -17.73 -6.51 42.49
N TRP A 619 -17.54 -5.59 41.54
CA TRP A 619 -17.86 -4.17 41.69
C TRP A 619 -18.71 -3.72 40.47
N VAL A 620 -19.87 -3.04 40.66
CA VAL A 620 -20.74 -2.63 39.53
C VAL A 620 -21.51 -1.32 39.77
N LEU A 621 -21.90 -0.56 38.67
CA LEU A 621 -22.80 0.59 38.70
C LEU A 621 -24.12 0.08 38.12
N SER A 622 -25.14 -0.17 38.99
CA SER A 622 -26.48 -0.66 38.65
C SER A 622 -27.40 0.50 38.34
N TYR A 623 -28.27 0.30 37.35
CA TYR A 623 -29.29 1.26 36.96
C TYR A 623 -30.66 0.63 37.14
N ASN A 624 -31.47 1.15 38.09
CA ASN A 624 -32.83 0.67 38.32
C ASN A 624 -33.74 1.85 38.17
N PRO A 625 -34.22 2.10 36.93
CA PRO A 625 -35.06 3.27 36.67
C PRO A 625 -36.04 3.68 37.81
N LYS A 626 -36.66 2.70 38.54
CA LYS A 626 -37.55 2.89 39.70
C LYS A 626 -36.89 3.73 40.82
N ILE A 627 -35.68 3.29 41.28
CA ILE A 627 -34.87 3.90 42.36
C ILE A 627 -33.94 4.98 41.78
N GLY A 628 -33.16 4.59 40.78
CA GLY A 628 -32.19 5.45 40.14
C GLY A 628 -30.93 4.66 39.86
N TYR A 629 -29.76 5.21 40.26
CA TYR A 629 -28.45 4.60 40.03
C TYR A 629 -27.76 4.36 41.34
N ILE A 630 -26.97 3.29 41.43
CA ILE A 630 -26.20 2.88 42.63
C ILE A 630 -24.97 2.04 42.26
N GLU A 631 -24.00 1.92 43.16
CA GLU A 631 -22.85 1.02 42.95
C GLU A 631 -22.86 -0.06 44.05
N ARG A 632 -22.56 -1.29 43.65
CA ARG A 632 -22.59 -2.41 44.58
C ARG A 632 -21.22 -3.09 44.69
N HIS A 633 -20.87 -3.49 45.93
CA HIS A 633 -19.66 -4.24 46.31
C HIS A 633 -19.81 -4.75 47.73
N LYS A 634 -19.49 -6.05 47.94
CA LYS A 634 -19.54 -6.76 49.23
C LYS A 634 -20.88 -6.49 49.95
N LYS A 635 -22.00 -6.82 49.28
CA LYS A 635 -23.41 -6.70 49.73
C LYS A 635 -23.84 -5.23 50.07
N ARG A 636 -22.99 -4.22 49.77
CA ARG A 636 -23.26 -2.81 50.10
C ARG A 636 -23.68 -1.99 48.87
N GLU A 637 -24.73 -1.19 49.01
CA GLU A 637 -25.25 -0.33 47.93
C GLU A 637 -24.93 1.14 48.22
N TYR A 638 -24.57 1.93 47.19
CA TYR A 638 -24.25 3.36 47.39
C TYR A 638 -24.97 4.19 46.34
N ASN A 639 -25.83 5.13 46.79
CA ASN A 639 -26.58 6.06 45.95
C ASN A 639 -25.62 6.88 45.09
N VAL A 640 -25.84 6.92 43.77
CA VAL A 640 -25.02 7.69 42.82
C VAL A 640 -25.93 8.68 42.07
N ARG A 641 -25.57 9.97 42.07
CA ARG A 641 -26.34 10.99 41.35
C ARG A 641 -25.94 11.05 39.87
N ALA A 642 -26.92 10.87 38.98
CA ALA A 642 -26.70 10.97 37.55
C ALA A 642 -27.27 12.33 37.07
N PRO A 643 -26.37 13.22 36.55
CA PRO A 643 -26.81 14.55 36.07
C PRO A 643 -27.95 14.49 35.05
N ASN A 644 -27.82 13.58 34.07
CA ASN A 644 -28.82 13.35 33.04
C ASN A 644 -29.37 11.91 33.19
N PRO A 645 -30.47 11.73 33.98
CA PRO A 645 -31.05 10.40 34.18
C PRO A 645 -31.53 9.74 32.88
N GLY A 646 -31.25 8.46 32.75
CA GLY A 646 -31.63 7.70 31.58
C GLY A 646 -30.74 7.84 30.37
N PHE A 647 -29.51 8.43 30.56
CA PHE A 647 -28.48 8.60 29.53
C PHE A 647 -28.16 7.26 28.86
N LYS A 648 -28.16 7.20 27.52
CA LYS A 648 -28.03 5.95 26.78
C LYS A 648 -26.60 5.35 26.80
N ARG A 649 -25.56 6.15 26.67
CA ARG A 649 -24.21 5.62 26.59
C ARG A 649 -23.40 5.81 27.88
N LEU A 650 -22.77 4.72 28.35
CA LEU A 650 -21.97 4.76 29.56
C LEU A 650 -20.50 4.50 29.24
N GLY A 651 -19.64 5.37 29.77
CA GLY A 651 -18.19 5.30 29.60
C GLY A 651 -17.56 4.74 30.84
N LEU A 652 -16.67 3.75 30.67
CA LEU A 652 -16.03 3.11 31.81
C LEU A 652 -14.49 3.00 31.69
N PHE A 653 -13.76 3.63 32.63
CA PHE A 653 -12.30 3.59 32.63
C PHE A 653 -11.69 2.98 33.92
N LEU A 654 -10.93 1.88 33.70
CA LEU A 654 -10.27 1.11 34.73
C LEU A 654 -8.76 1.29 34.72
N ASP A 655 -8.20 1.62 35.86
CA ASP A 655 -6.76 1.66 36.03
C ASP A 655 -6.46 0.56 37.05
N TRP A 656 -6.08 -0.65 36.60
CA TRP A 656 -5.90 -1.82 37.47
C TRP A 656 -4.71 -1.65 38.45
N ARG A 657 -3.58 -1.01 37.99
CA ARG A 657 -2.35 -0.74 38.76
C ARG A 657 -2.71 0.09 40.02
N TYR A 658 -3.56 1.16 39.88
CA TYR A 658 -4.11 1.89 41.02
C TYR A 658 -5.42 1.24 41.20
N GLY A 659 -6.10 1.44 42.30
CA GLY A 659 -7.37 0.76 42.46
C GLY A 659 -8.53 1.56 41.94
N SER A 660 -8.43 2.14 40.75
CA SER A 660 -9.49 2.97 40.20
C SER A 660 -10.40 2.30 39.15
N ILE A 661 -11.68 2.71 39.19
CA ILE A 661 -12.73 2.37 38.23
C ILE A 661 -13.73 3.54 38.28
N SER A 662 -13.82 4.21 37.12
CA SER A 662 -14.56 5.43 36.93
C SER A 662 -15.67 5.24 35.91
N PHE A 663 -16.78 5.98 36.10
CA PHE A 663 -17.98 5.93 35.28
C PHE A 663 -18.34 7.33 34.79
N TYR A 664 -18.62 7.46 33.48
CA TYR A 664 -18.93 8.75 32.84
C TYR A 664 -20.15 8.67 31.95
N ALA A 665 -20.86 9.80 31.75
CA ALA A 665 -21.95 9.91 30.77
C ALA A 665 -21.28 10.35 29.44
N VAL A 666 -21.36 9.50 28.42
CA VAL A 666 -20.74 9.79 27.12
C VAL A 666 -21.73 10.56 26.26
N SER A 667 -21.42 11.85 26.05
CA SER A 667 -22.22 12.70 25.22
C SER A 667 -21.36 13.19 24.05
N SER A 668 -21.48 12.44 22.92
CA SER A 668 -20.80 12.67 21.65
C SER A 668 -19.32 12.54 21.89
N ASP A 669 -18.59 13.66 21.85
CA ASP A 669 -17.15 13.78 22.04
C ASP A 669 -16.80 14.34 23.44
N GLU A 670 -17.74 14.36 24.39
CA GLU A 670 -17.52 14.92 25.73
C GLU A 670 -17.90 13.89 26.78
N VAL A 671 -17.21 13.85 27.94
CA VAL A 671 -17.54 12.90 29.02
C VAL A 671 -17.85 13.67 30.33
N HIS A 672 -18.96 13.32 31.00
CA HIS A 672 -19.35 13.92 32.27
C HIS A 672 -19.12 12.84 33.32
N HIS A 673 -18.10 13.01 34.19
CA HIS A 673 -17.74 12.04 35.21
C HIS A 673 -18.90 11.87 36.19
N LEU A 674 -19.42 10.64 36.32
CA LEU A 674 -20.54 10.40 37.25
C LEU A 674 -20.02 10.16 38.65
N HIS A 675 -19.23 9.08 38.80
CA HIS A 675 -18.69 8.60 40.05
C HIS A 675 -17.56 7.67 39.84
N THR A 676 -16.48 7.85 40.61
CA THR A 676 -15.30 7.00 40.60
C THR A 676 -15.17 6.34 41.97
N PHE A 677 -14.56 5.15 42.02
CA PHE A 677 -14.30 4.50 43.30
C PHE A 677 -12.97 3.73 43.32
N LYS A 678 -12.44 3.45 44.54
CA LYS A 678 -11.17 2.72 44.68
C LYS A 678 -11.36 1.35 45.31
N THR A 679 -10.58 0.37 44.79
CA THR A 679 -10.54 -1.02 45.25
C THR A 679 -9.18 -1.68 44.93
N LYS A 680 -8.73 -2.65 45.76
CA LYS A 680 -7.48 -3.37 45.56
C LYS A 680 -7.75 -4.62 44.69
N PHE A 681 -7.27 -4.60 43.43
CA PHE A 681 -7.49 -5.69 42.47
C PHE A 681 -6.29 -6.67 42.46
N THR A 682 -6.52 -7.82 43.09
CA THR A 682 -5.57 -8.91 43.35
C THR A 682 -5.21 -9.71 42.08
N GLU A 683 -6.19 -9.96 41.19
CA GLU A 683 -6.00 -10.81 40.00
C GLU A 683 -6.67 -10.20 38.73
N PRO A 684 -6.39 -10.69 37.48
CA PRO A 684 -7.04 -10.10 36.29
C PRO A 684 -8.55 -9.88 36.46
N VAL A 685 -8.98 -8.67 36.04
CA VAL A 685 -10.33 -8.17 36.19
C VAL A 685 -11.10 -8.30 34.84
N TYR A 686 -12.31 -8.84 34.89
CA TYR A 686 -13.16 -9.06 33.72
C TYR A 686 -14.38 -8.16 33.71
N PRO A 687 -14.68 -7.50 32.58
CA PRO A 687 -15.94 -6.74 32.50
C PRO A 687 -17.12 -7.68 32.72
N ALA A 688 -17.98 -7.35 33.69
CA ALA A 688 -19.10 -8.20 34.09
C ALA A 688 -20.42 -7.43 34.05
N PHE A 689 -21.50 -8.08 33.59
CA PHE A 689 -22.79 -7.40 33.43
C PHE A 689 -23.99 -8.22 33.93
N SER A 690 -25.03 -7.53 34.50
CA SER A 690 -26.34 -8.10 34.87
C SER A 690 -27.38 -7.38 34.05
N ILE A 691 -28.38 -8.12 33.60
CA ILE A 691 -29.43 -7.60 32.74
C ILE A 691 -30.86 -7.73 33.45
N GLY A 692 -30.85 -7.82 34.78
CA GLY A 692 -32.02 -7.82 35.67
C GLY A 692 -32.95 -9.01 35.72
N PRO A 693 -33.65 -9.20 36.88
CA PRO A 693 -34.59 -10.34 37.02
C PRO A 693 -36.06 -10.00 36.76
N ALA A 694 -36.91 -11.05 36.68
CA ALA A 694 -38.38 -11.03 36.55
C ALA A 694 -38.89 -10.27 35.30
N GLY A 695 -39.92 -9.44 35.48
CA GLY A 695 -40.49 -8.62 34.40
C GLY A 695 -39.58 -7.45 34.04
N ASN A 696 -38.59 -7.15 34.89
CA ASN A 696 -37.63 -6.05 34.71
C ASN A 696 -36.51 -6.52 33.82
N HIS A 697 -36.28 -5.81 32.69
CA HIS A 697 -35.34 -6.23 31.65
C HIS A 697 -34.32 -5.17 31.22
N GLY A 698 -33.13 -5.66 30.86
CA GLY A 698 -32.02 -4.86 30.38
C GLY A 698 -31.62 -5.22 28.96
N THR A 699 -30.75 -4.38 28.39
CA THR A 699 -30.25 -4.47 27.02
C THR A 699 -28.90 -3.83 27.09
N LEU A 700 -27.86 -4.50 26.58
CA LEU A 700 -26.49 -3.99 26.72
C LEU A 700 -25.60 -4.23 25.47
N ARG A 701 -25.07 -3.16 24.86
CA ARG A 701 -24.25 -3.27 23.64
C ARG A 701 -22.84 -2.74 23.82
N LEU A 702 -21.84 -3.60 23.58
CA LEU A 702 -20.43 -3.24 23.63
C LEU A 702 -20.04 -2.40 22.40
N LEU A 703 -19.31 -1.30 22.65
CA LEU A 703 -18.93 -0.43 21.55
C LEU A 703 -17.41 -0.36 21.43
N ASP B 4 38.51 5.93 -38.45
CA ASP B 4 38.54 4.93 -37.40
C ASP B 4 37.23 4.13 -37.39
N ILE B 5 37.38 2.80 -37.24
CA ILE B 5 36.25 1.90 -37.24
C ILE B 5 35.56 1.90 -35.84
N LEU B 6 34.20 1.83 -35.85
CA LEU B 6 33.32 1.81 -34.67
C LEU B 6 32.25 0.70 -34.78
N VAL B 7 31.72 0.26 -33.62
CA VAL B 7 30.71 -0.79 -33.53
C VAL B 7 29.43 -0.20 -32.92
N VAL B 8 28.28 -0.36 -33.60
CA VAL B 8 27.00 0.20 -33.15
C VAL B 8 25.93 -0.91 -33.11
N ALA B 9 25.09 -0.91 -32.03
CA ALA B 9 23.99 -1.85 -31.83
C ALA B 9 22.90 -1.57 -32.85
N ALA B 10 22.53 -2.58 -33.65
CA ALA B 10 21.52 -2.44 -34.71
C ALA B 10 20.18 -1.94 -34.19
N LEU B 11 19.76 -2.40 -33.00
CA LEU B 11 18.51 -2.02 -32.33
C LEU B 11 17.27 -2.28 -33.22
N GLY B 12 17.22 -3.47 -33.79
CA GLY B 12 16.13 -3.92 -34.64
C GLY B 12 16.02 -3.19 -35.96
N ARG B 13 16.81 -2.11 -36.14
CA ARG B 13 16.86 -1.29 -37.36
C ARG B 13 17.33 -2.17 -38.54
N PRO B 14 16.60 -2.13 -39.70
CA PRO B 14 16.98 -2.98 -40.86
C PRO B 14 18.36 -2.63 -41.40
N PHE B 15 19.30 -3.56 -41.29
CA PHE B 15 20.64 -3.30 -41.75
C PHE B 15 21.01 -4.29 -42.82
N THR B 16 21.61 -3.76 -43.91
CA THR B 16 22.12 -4.52 -45.04
C THR B 16 23.61 -4.21 -45.20
N LEU B 17 24.35 -5.22 -45.69
CA LEU B 17 25.80 -5.38 -45.85
C LEU B 17 26.60 -4.11 -46.31
N GLY B 18 26.01 -3.29 -47.18
CA GLY B 18 26.59 -2.04 -47.64
C GLY B 18 25.56 -0.96 -47.49
N MET B 19 25.71 -0.05 -46.50
CA MET B 19 24.73 1.02 -46.23
C MET B 19 25.32 2.31 -45.62
N LEU B 20 24.60 3.45 -45.76
CA LEU B 20 25.01 4.75 -45.20
C LEU B 20 24.49 4.94 -43.76
N TYR B 21 25.34 5.56 -42.89
CA TYR B 21 25.01 5.84 -41.49
C TYR B 21 25.66 7.15 -41.06
N ASP B 22 24.84 8.07 -40.51
CA ASP B 22 25.37 9.33 -39.98
C ASP B 22 25.66 9.09 -38.49
N ALA B 23 26.87 9.49 -38.05
CA ALA B 23 27.33 9.35 -36.66
C ALA B 23 26.54 10.25 -35.67
N ARG B 24 25.46 10.93 -36.16
CA ARG B 24 24.48 11.65 -35.32
C ARG B 24 23.21 10.77 -35.19
N ASN B 25 23.51 9.44 -35.29
CA ASN B 25 22.82 8.14 -35.21
C ASN B 25 21.54 7.98 -36.06
N ASP B 26 21.49 8.72 -37.18
CA ASP B 26 20.45 8.57 -38.20
C ASP B 26 20.97 7.53 -39.18
N LYS B 27 20.13 6.59 -39.64
CA LYS B 27 20.60 5.62 -40.64
C LYS B 27 19.94 5.91 -41.98
N LEU B 28 20.76 6.33 -42.97
CA LEU B 28 20.32 6.69 -44.31
C LEU B 28 19.92 5.45 -45.12
N ILE B 29 18.66 5.45 -45.56
CA ILE B 29 18.03 4.39 -46.33
C ILE B 29 17.99 4.82 -47.81
N GLU B 46 29.91 -15.37 -45.03
CA GLU B 46 28.99 -15.66 -43.94
C GLU B 46 29.65 -16.61 -42.93
N SER B 47 30.38 -16.03 -41.96
CA SER B 47 31.05 -16.74 -40.87
C SER B 47 30.03 -17.23 -39.87
N SER B 48 30.36 -18.27 -39.09
CA SER B 48 29.46 -18.77 -38.06
C SER B 48 29.96 -18.33 -36.68
N GLN B 49 29.11 -17.57 -35.92
CA GLN B 49 29.42 -17.09 -34.56
C GLN B 49 28.33 -17.51 -33.56
N PRO B 50 28.12 -18.84 -33.29
CA PRO B 50 27.05 -19.21 -32.35
C PRO B 50 27.32 -18.81 -30.91
N SER B 51 26.24 -18.36 -30.22
CA SER B 51 26.22 -17.97 -28.80
C SER B 51 24.81 -17.94 -28.24
N SER B 52 24.67 -18.50 -27.06
CA SER B 52 23.38 -18.50 -26.34
C SER B 52 23.61 -17.96 -24.93
N ALA B 53 22.57 -17.28 -24.38
CA ALA B 53 22.58 -16.76 -23.01
C ALA B 53 21.22 -16.16 -22.62
N PHE B 54 21.03 -15.94 -21.32
CA PHE B 54 19.86 -15.31 -20.75
C PHE B 54 20.28 -14.46 -19.55
N GLU B 55 19.50 -13.41 -19.26
CA GLU B 55 19.73 -12.49 -18.14
C GLU B 55 18.40 -11.99 -17.59
N ILE B 56 18.30 -11.94 -16.27
CA ILE B 56 17.10 -11.44 -15.57
C ILE B 56 17.45 -10.16 -14.79
N ILE B 57 16.70 -9.07 -15.01
CA ILE B 57 16.96 -7.83 -14.27
C ILE B 57 15.68 -7.37 -13.57
N ALA B 58 15.83 -6.79 -12.37
CA ALA B 58 14.70 -6.26 -11.60
C ALA B 58 14.72 -4.75 -11.68
N SER B 59 15.01 -4.19 -12.87
CA SER B 59 15.08 -2.75 -13.09
C SER B 59 14.68 -2.39 -14.50
N ASP B 60 14.40 -1.09 -14.74
CA ASP B 60 13.97 -0.63 -16.07
C ASP B 60 14.51 0.76 -16.45
N SER B 61 15.51 1.29 -15.70
CA SER B 61 16.07 2.60 -16.06
C SER B 61 16.79 2.48 -17.42
N THR B 62 16.86 3.60 -18.18
CA THR B 62 17.50 3.60 -19.50
C THR B 62 18.91 2.97 -19.41
N ASP B 63 19.68 3.31 -18.33
CA ASP B 63 21.03 2.78 -18.02
C ASP B 63 21.02 1.26 -17.98
N ASP B 64 19.97 0.66 -17.37
CA ASP B 64 19.80 -0.79 -17.21
C ASP B 64 19.45 -1.44 -18.55
N LYS B 65 18.53 -0.83 -19.33
CA LYS B 65 18.12 -1.33 -20.66
C LYS B 65 19.29 -1.25 -21.66
N SER B 66 20.12 -0.21 -21.48
CA SER B 66 21.29 0.02 -22.29
C SER B 66 22.35 -1.05 -22.00
N SER B 67 22.50 -1.44 -20.72
CA SER B 67 23.48 -2.43 -20.26
C SER B 67 23.21 -3.84 -20.82
N LEU B 68 21.92 -4.18 -21.05
CA LEU B 68 21.52 -5.48 -21.59
C LEU B 68 21.71 -5.55 -23.07
N MET B 69 21.47 -4.42 -23.75
CA MET B 69 21.55 -4.29 -25.19
C MET B 69 22.90 -3.77 -25.64
N ASP B 70 23.84 -3.62 -24.67
CA ASP B 70 25.22 -3.15 -24.88
C ASP B 70 25.23 -1.87 -25.75
N ILE B 71 24.35 -0.90 -25.41
CA ILE B 71 24.21 0.39 -26.10
C ILE B 71 25.28 1.35 -25.59
N GLU B 72 26.08 1.91 -26.55
CA GLU B 72 27.15 2.87 -26.32
C GLU B 72 26.58 4.24 -25.91
N ALA B 73 27.31 4.97 -25.03
CA ALA B 73 26.94 6.27 -24.48
C ALA B 73 26.33 7.22 -25.53
N SER B 74 27.01 7.31 -26.70
CA SER B 74 26.63 8.11 -27.86
C SER B 74 25.24 7.70 -28.39
N LEU B 75 25.06 6.40 -28.71
CA LEU B 75 23.82 5.84 -29.21
C LEU B 75 22.68 6.00 -28.19
N LYS B 76 22.97 5.81 -26.89
CA LYS B 76 22.01 5.97 -25.79
C LYS B 76 21.49 7.41 -25.75
N ALA B 77 22.42 8.40 -25.80
CA ALA B 77 22.10 9.84 -25.80
C ALA B 77 21.20 10.20 -26.99
N SER B 78 21.51 9.65 -28.18
CA SER B 78 20.76 9.88 -29.41
C SER B 78 19.39 9.21 -29.31
N PHE B 79 19.32 8.05 -28.60
CA PHE B 79 18.05 7.35 -28.39
C PHE B 79 17.14 8.17 -27.46
N LEU B 80 17.73 8.71 -26.36
CA LEU B 80 17.03 9.56 -25.39
C LEU B 80 16.51 10.80 -26.09
N GLY B 81 17.33 11.38 -26.97
CA GLY B 81 17.01 12.53 -27.81
C GLY B 81 15.92 12.26 -28.83
N GLY B 82 15.58 10.98 -29.01
CA GLY B 82 14.51 10.52 -29.88
C GLY B 82 14.88 10.33 -31.33
N LEU B 83 16.16 10.58 -31.66
CA LEU B 83 16.69 10.47 -33.03
C LEU B 83 16.67 9.02 -33.51
N VAL B 84 16.99 8.09 -32.60
CA VAL B 84 17.06 6.65 -32.89
C VAL B 84 15.67 6.01 -32.78
N GLU B 85 15.23 5.43 -33.92
CA GLU B 85 14.02 4.62 -34.03
C GLU B 85 14.43 3.19 -33.68
N VAL B 86 13.50 2.30 -33.28
CA VAL B 86 13.90 0.92 -32.97
C VAL B 86 13.04 -0.07 -33.70
N GLY B 87 13.61 -1.26 -33.89
CA GLY B 87 12.96 -2.41 -34.52
C GLY B 87 12.46 -3.36 -33.46
N GLY B 88 11.88 -4.49 -33.89
CA GLY B 88 11.37 -5.50 -32.97
C GLY B 88 12.41 -5.91 -31.97
N SER B 89 11.98 -6.35 -30.80
CA SER B 89 12.84 -6.72 -29.68
C SER B 89 13.40 -5.45 -29.00
N ALA B 90 14.04 -4.55 -29.77
CA ALA B 90 14.56 -3.30 -29.22
C ALA B 90 13.42 -2.38 -28.78
N LYS B 91 12.21 -2.73 -29.22
CA LYS B 91 10.98 -2.03 -28.87
C LYS B 91 10.79 -2.05 -27.34
N TYR B 92 11.57 -2.92 -26.64
CA TYR B 92 11.61 -3.05 -25.19
C TYR B 92 12.06 -1.72 -24.58
N LEU B 93 12.94 -0.99 -25.28
CA LEU B 93 13.46 0.30 -24.83
C LEU B 93 12.36 1.32 -24.63
N ASN B 94 11.31 1.20 -25.46
CA ASN B 94 10.13 2.04 -25.47
C ASN B 94 9.00 1.43 -24.60
N ASN B 95 9.30 0.39 -23.80
CA ASN B 95 8.30 -0.19 -22.89
C ASN B 95 8.51 0.40 -21.52
N GLN B 96 7.74 1.42 -21.20
CA GLN B 96 7.88 2.10 -19.93
C GLN B 96 7.05 1.46 -18.84
N LYS B 97 7.58 1.47 -17.60
CA LYS B 97 6.87 1.03 -16.40
C LYS B 97 5.72 2.04 -16.18
N LYS B 98 4.46 1.56 -16.00
CA LYS B 98 3.33 2.48 -15.84
C LYS B 98 3.37 3.16 -14.49
N PHE B 99 3.47 2.37 -13.42
CA PHE B 99 3.47 2.84 -12.06
C PHE B 99 4.86 2.88 -11.43
N LYS B 100 5.03 3.78 -10.44
CA LYS B 100 6.26 3.90 -9.64
C LYS B 100 6.30 2.66 -8.74
N ASN B 101 5.25 2.53 -7.90
CA ASN B 101 5.02 1.44 -6.94
C ASN B 101 4.52 0.15 -7.63
N GLN B 102 5.34 -0.40 -8.52
CA GLN B 102 5.04 -1.63 -9.27
C GLN B 102 6.33 -2.40 -9.53
N SER B 103 6.30 -3.72 -9.29
CA SER B 103 7.45 -4.58 -9.48
C SER B 103 7.59 -5.00 -10.95
N ARG B 104 8.78 -4.81 -11.54
CA ARG B 104 9.02 -5.20 -12.92
C ARG B 104 10.32 -6.03 -13.01
N VAL B 105 10.18 -7.29 -13.43
CA VAL B 105 11.30 -8.22 -13.56
C VAL B 105 11.35 -8.70 -15.03
N THR B 106 12.36 -8.20 -15.79
CA THR B 106 12.53 -8.49 -17.20
C THR B 106 13.49 -9.65 -17.39
N LEU B 107 13.06 -10.63 -18.22
CA LEU B 107 13.85 -11.79 -18.58
C LEU B 107 14.28 -11.63 -20.01
N GLN B 108 15.59 -11.73 -20.27
CA GLN B 108 16.12 -11.59 -21.62
C GLN B 108 16.81 -12.85 -22.06
N TYR B 109 16.38 -13.42 -23.20
CA TYR B 109 17.06 -14.52 -23.89
C TYR B 109 17.83 -13.86 -25.02
N LYS B 110 19.15 -14.07 -25.10
CA LYS B 110 20.01 -13.42 -26.09
C LYS B 110 20.84 -14.45 -26.86
N ALA B 111 20.68 -14.46 -28.18
CA ALA B 111 21.39 -15.41 -29.02
C ALA B 111 21.99 -14.76 -30.26
N THR B 112 23.24 -15.16 -30.62
CA THR B 112 23.98 -14.71 -31.82
C THR B 112 24.30 -15.97 -32.68
N THR B 113 24.10 -15.86 -34.01
CA THR B 113 24.22 -16.99 -34.92
C THR B 113 25.37 -16.93 -35.99
N SER B 114 25.48 -15.84 -36.77
CA SER B 114 26.49 -15.76 -37.84
C SER B 114 27.00 -14.32 -38.07
N PHE B 115 28.10 -14.19 -38.81
CA PHE B 115 28.70 -12.89 -39.13
C PHE B 115 28.87 -12.73 -40.63
N LYS B 116 28.60 -11.52 -41.19
CA LYS B 116 28.72 -11.30 -42.64
C LYS B 116 29.45 -9.98 -42.99
N GLN B 117 30.25 -10.01 -44.08
CA GLN B 117 31.07 -8.87 -44.57
C GLN B 117 31.17 -8.86 -46.11
N ALA B 138 25.50 11.51 -44.47
CA ALA B 138 26.12 10.38 -43.77
C ALA B 138 27.62 10.60 -43.51
N THR B 139 28.20 9.71 -42.67
CA THR B 139 29.61 9.77 -42.29
C THR B 139 30.27 8.39 -42.49
N HIS B 140 29.49 7.30 -42.37
CA HIS B 140 30.02 5.94 -42.43
C HIS B 140 29.28 4.98 -43.37
N VAL B 141 29.99 3.90 -43.78
CA VAL B 141 29.47 2.82 -44.62
C VAL B 141 29.66 1.49 -43.86
N VAL B 142 28.60 0.64 -43.84
CA VAL B 142 28.54 -0.69 -43.21
C VAL B 142 29.55 -1.63 -43.91
N ILE B 143 30.47 -2.25 -43.13
CA ILE B 143 31.48 -3.15 -43.69
C ILE B 143 31.20 -4.60 -43.26
N GLY B 144 30.86 -4.79 -41.98
CA GLY B 144 30.56 -6.09 -41.39
C GLY B 144 29.44 -6.00 -40.37
N ILE B 145 28.60 -7.05 -40.29
CA ILE B 145 27.46 -7.07 -39.36
C ILE B 145 27.27 -8.45 -38.72
N LEU B 146 27.13 -8.46 -37.39
CA LEU B 146 26.92 -9.69 -36.62
C LEU B 146 25.41 -9.94 -36.48
N TYR B 147 24.99 -11.16 -36.87
CA TYR B 147 23.59 -11.60 -36.89
C TYR B 147 23.24 -12.45 -35.69
N GLY B 148 22.01 -12.25 -35.22
CA GLY B 148 21.44 -12.96 -34.10
C GLY B 148 19.98 -12.58 -33.93
N ALA B 149 19.42 -12.81 -32.74
CA ALA B 149 18.03 -12.49 -32.43
C ALA B 149 17.79 -12.65 -30.94
N ASN B 150 17.32 -11.60 -30.26
CA ASN B 150 17.04 -11.77 -28.83
C ASN B 150 15.53 -11.51 -28.49
N ALA B 151 15.13 -11.82 -27.24
CA ALA B 151 13.76 -11.71 -26.78
C ALA B 151 13.68 -11.20 -25.33
N PHE B 152 12.66 -10.33 -25.09
CA PHE B 152 12.43 -9.72 -23.78
C PHE B 152 11.07 -10.12 -23.25
N PHE B 153 11.09 -10.81 -22.12
CA PHE B 153 9.91 -11.24 -21.39
C PHE B 153 9.72 -10.27 -20.22
N VAL B 154 8.97 -9.18 -20.46
CA VAL B 154 8.72 -8.11 -19.49
C VAL B 154 7.54 -8.49 -18.58
N PHE B 155 7.86 -8.85 -17.30
CA PHE B 155 6.87 -9.24 -16.31
C PHE B 155 6.57 -8.08 -15.40
N ASP B 156 5.27 -7.71 -15.33
CA ASP B 156 4.79 -6.61 -14.50
C ASP B 156 3.77 -7.05 -13.52
N SER B 157 3.99 -6.68 -12.27
CA SER B 157 3.08 -6.89 -11.15
C SER B 157 1.95 -5.84 -11.22
N ASN B 158 0.89 -6.03 -10.42
CA ASN B 158 -0.18 -5.04 -10.33
C ASN B 158 0.30 -3.88 -9.41
N LYS B 159 -0.37 -2.71 -9.44
CA LYS B 159 0.04 -1.61 -8.56
C LYS B 159 -0.11 -2.11 -7.10
N VAL B 160 0.98 -2.03 -6.31
CA VAL B 160 1.02 -2.47 -4.91
C VAL B 160 1.37 -1.30 -3.97
N ASP B 161 1.52 -1.58 -2.66
CA ASP B 161 1.92 -0.58 -1.68
C ASP B 161 3.42 -0.37 -1.84
N SER B 162 3.97 0.70 -1.28
CA SER B 162 5.39 0.97 -1.39
C SER B 162 6.19 -0.05 -0.64
N THR B 163 5.66 -0.49 0.52
CA THR B 163 6.32 -1.42 1.42
C THR B 163 6.38 -2.88 0.89
N ASN B 164 5.39 -3.32 0.11
CA ASN B 164 5.36 -4.69 -0.38
C ASN B 164 5.96 -4.88 -1.80
N VAL B 165 6.49 -3.79 -2.44
CA VAL B 165 7.09 -3.88 -3.79
C VAL B 165 8.39 -4.72 -3.79
N GLN B 166 9.23 -4.59 -2.74
CA GLN B 166 10.51 -5.31 -2.63
C GLN B 166 10.32 -6.82 -2.47
N GLU B 167 9.31 -7.21 -1.66
CA GLU B 167 8.95 -8.60 -1.36
C GLU B 167 8.44 -9.31 -2.61
N ILE B 168 7.51 -8.66 -3.33
CA ILE B 168 6.89 -9.22 -4.53
C ILE B 168 7.89 -9.20 -5.68
N GLN B 169 8.88 -8.27 -5.67
CA GLN B 169 9.91 -8.20 -6.71
C GLN B 169 10.84 -9.41 -6.60
N GLY B 170 11.25 -9.74 -5.37
CA GLY B 170 12.08 -10.90 -5.06
C GLY B 170 11.38 -12.18 -5.46
N GLN B 171 10.08 -12.30 -5.05
CA GLN B 171 9.18 -13.41 -5.36
C GLN B 171 9.11 -13.66 -6.87
N MET B 172 8.91 -12.58 -7.66
CA MET B 172 8.89 -12.59 -9.12
C MET B 172 10.22 -13.12 -9.67
N GLU B 173 11.36 -12.51 -9.24
CA GLU B 173 12.72 -12.91 -9.66
C GLU B 173 12.89 -14.40 -9.49
N ALA B 174 12.56 -14.94 -8.28
CA ALA B 174 12.62 -16.35 -7.91
C ALA B 174 11.93 -17.28 -8.93
N VAL B 175 10.62 -17.05 -9.21
CA VAL B 175 9.86 -17.88 -10.15
C VAL B 175 10.28 -17.62 -11.61
N ILE B 176 10.78 -16.41 -11.94
CA ILE B 176 11.24 -16.10 -13.30
C ILE B 176 12.61 -16.79 -13.50
N LYS B 177 13.39 -16.94 -12.40
CA LYS B 177 14.67 -17.64 -12.41
C LYS B 177 14.48 -19.12 -12.77
N LYS B 178 13.29 -19.69 -12.42
CA LYS B 178 12.91 -21.07 -12.67
C LYS B 178 12.58 -21.34 -14.15
N ILE B 179 12.04 -20.33 -14.86
CA ILE B 179 11.59 -20.40 -16.28
C ILE B 179 12.61 -21.16 -17.20
N PRO B 180 13.96 -20.90 -17.26
CA PRO B 180 14.82 -21.68 -18.18
C PRO B 180 15.05 -23.16 -17.77
N SER B 181 13.92 -23.90 -17.56
CA SER B 181 13.80 -25.33 -17.23
C SER B 181 12.90 -25.99 -18.32
N VAL B 182 13.53 -26.80 -19.21
CA VAL B 182 12.90 -27.46 -20.36
C VAL B 182 12.58 -28.92 -20.01
N THR B 193 4.52 -26.50 -7.50
CA THR B 193 4.90 -25.11 -7.36
C THR B 193 4.17 -24.56 -6.09
N GLY B 194 2.87 -24.84 -5.96
CA GLY B 194 2.06 -24.50 -4.78
C GLY B 194 1.72 -23.04 -4.59
N GLU B 195 2.20 -22.44 -3.47
CA GLU B 195 1.99 -21.01 -3.17
C GLU B 195 2.70 -20.15 -4.25
N GLU B 196 3.81 -20.69 -4.84
CA GLU B 196 4.56 -20.04 -5.93
C GLU B 196 3.63 -19.80 -7.14
N THR B 197 2.69 -20.76 -7.40
CA THR B 197 1.68 -20.70 -8.46
C THR B 197 0.86 -19.41 -8.31
N ASP B 198 0.40 -19.09 -7.07
CA ASP B 198 -0.38 -17.88 -6.76
C ASP B 198 0.29 -16.62 -7.28
N ILE B 199 1.63 -16.53 -7.09
CA ILE B 199 2.47 -15.40 -7.53
C ILE B 199 2.46 -15.32 -9.06
N THR B 200 2.62 -16.46 -9.77
CA THR B 200 2.65 -16.48 -11.25
C THR B 200 1.36 -15.87 -11.85
N ASN B 201 0.26 -15.91 -11.09
CA ASN B 201 -1.02 -15.34 -11.50
C ASN B 201 -1.20 -13.90 -10.98
N SER B 202 -0.18 -13.34 -10.26
CA SER B 202 -0.17 -11.96 -9.73
C SER B 202 0.38 -10.97 -10.74
N PHE B 203 1.14 -11.45 -11.73
CA PHE B 203 1.77 -10.59 -12.74
C PHE B 203 1.49 -11.05 -14.16
N SER B 204 1.48 -10.08 -15.10
CA SER B 204 1.28 -10.28 -16.53
C SER B 204 2.63 -10.29 -17.28
N CYS B 205 2.61 -10.75 -18.56
CA CYS B 205 3.79 -10.79 -19.43
C CYS B 205 3.55 -9.91 -20.67
N GLU B 206 4.63 -9.29 -21.15
CA GLU B 206 4.63 -8.50 -22.38
C GLU B 206 5.94 -8.77 -23.10
N PHE B 207 5.83 -9.44 -24.26
CA PHE B 207 6.94 -9.93 -25.09
C PHE B 207 7.39 -8.94 -26.18
N HIS B 208 8.72 -8.83 -26.37
CA HIS B 208 9.38 -8.03 -27.41
C HIS B 208 10.49 -8.89 -28.01
N GLY B 209 10.18 -9.54 -29.11
CA GLY B 209 11.16 -10.43 -29.73
C GLY B 209 11.47 -10.18 -31.19
N ASP B 210 12.62 -10.73 -31.61
CA ASP B 210 13.12 -10.72 -32.98
C ASP B 210 12.61 -11.94 -33.73
N PHE B 211 11.79 -12.76 -33.04
CA PHE B 211 11.15 -13.93 -33.60
C PHE B 211 9.70 -13.63 -33.98
N PHE B 212 9.23 -14.21 -35.09
CA PHE B 212 7.86 -14.02 -35.56
C PHE B 212 6.96 -15.04 -34.86
N LEU B 213 6.10 -14.52 -33.96
CA LEU B 213 5.20 -15.31 -33.12
C LEU B 213 3.73 -15.14 -33.48
N THR B 214 3.03 -16.28 -33.64
CA THR B 214 1.59 -16.36 -33.99
C THR B 214 0.73 -15.72 -32.88
N THR B 215 1.00 -16.09 -31.61
CA THR B 215 0.31 -15.61 -30.42
C THR B 215 1.38 -15.27 -29.37
N ASN B 216 1.31 -14.05 -28.81
CA ASN B 216 2.29 -13.56 -27.85
C ASN B 216 1.92 -13.93 -26.40
N PRO B 217 2.91 -14.27 -25.53
CA PRO B 217 2.58 -14.60 -24.14
C PRO B 217 2.16 -13.37 -23.32
N THR B 218 1.18 -13.59 -22.44
CA THR B 218 0.64 -12.59 -21.52
C THR B 218 0.55 -13.22 -20.13
N THR B 219 0.84 -14.52 -20.08
CA THR B 219 0.82 -15.37 -18.88
C THR B 219 2.22 -15.95 -18.62
N PHE B 220 2.46 -16.35 -17.33
CA PHE B 220 3.68 -17.02 -16.91
C PHE B 220 3.75 -18.38 -17.61
N GLU B 221 2.60 -19.12 -17.64
CA GLU B 221 2.51 -20.40 -18.34
C GLU B 221 2.83 -20.20 -19.82
N ASP B 222 2.27 -19.13 -20.42
CA ASP B 222 2.48 -18.78 -21.82
C ASP B 222 3.96 -18.46 -22.09
N ALA B 223 4.62 -17.74 -21.14
CA ALA B 223 6.04 -17.39 -21.22
C ALA B 223 6.93 -18.63 -21.28
N VAL B 224 6.69 -19.65 -20.41
CA VAL B 224 7.49 -20.89 -20.40
C VAL B 224 7.24 -21.65 -21.72
N LYS B 225 5.97 -21.65 -22.20
CA LYS B 225 5.59 -22.30 -23.45
C LYS B 225 6.32 -21.66 -24.61
N THR B 226 6.42 -20.31 -24.60
CA THR B 226 7.10 -19.55 -25.64
C THR B 226 8.62 -19.73 -25.49
N TYR B 227 9.16 -19.56 -24.26
CA TYR B 227 10.59 -19.72 -23.97
C TYR B 227 11.14 -21.09 -24.44
N GLN B 228 10.36 -22.17 -24.22
CA GLN B 228 10.74 -23.52 -24.63
C GLN B 228 10.90 -23.61 -26.15
N GLN B 229 10.05 -22.89 -26.92
CA GLN B 229 10.03 -22.89 -28.39
C GLN B 229 11.12 -22.01 -29.03
N LEU B 230 11.63 -20.99 -28.31
CA LEU B 230 12.62 -20.02 -28.80
C LEU B 230 13.92 -20.61 -29.40
N PRO B 231 14.63 -21.61 -28.77
CA PRO B 231 15.90 -22.08 -29.36
C PRO B 231 15.79 -22.72 -30.76
N GLN B 232 14.60 -23.29 -31.10
CA GLN B 232 14.30 -23.92 -32.40
C GLN B 232 14.00 -22.89 -33.47
N MET B 233 13.35 -21.77 -33.10
CA MET B 233 12.94 -20.68 -34.00
C MET B 233 14.13 -19.91 -34.64
N MET B 234 15.38 -20.30 -34.30
CA MET B 234 16.61 -19.68 -34.78
C MET B 234 16.84 -20.04 -36.26
N ALA B 239 16.49 -14.44 -37.27
CA ALA B 239 17.87 -13.95 -37.28
C ALA B 239 17.95 -12.60 -38.00
N VAL B 240 18.23 -11.56 -37.21
CA VAL B 240 18.28 -10.13 -37.56
C VAL B 240 19.66 -9.52 -37.16
N PRO B 241 20.25 -8.54 -37.93
CA PRO B 241 21.51 -7.92 -37.48
C PRO B 241 21.42 -7.33 -36.05
N MET B 242 22.40 -7.66 -35.19
CA MET B 242 22.47 -7.25 -33.78
C MET B 242 23.60 -6.26 -33.52
N THR B 243 24.76 -6.49 -34.13
CA THR B 243 25.95 -5.67 -33.95
C THR B 243 26.46 -5.25 -35.35
N VAL B 244 26.82 -3.95 -35.51
CA VAL B 244 27.21 -3.40 -36.82
C VAL B 244 28.61 -2.72 -36.82
N TRP B 245 29.52 -3.20 -37.69
CA TRP B 245 30.84 -2.61 -37.94
C TRP B 245 30.69 -1.68 -39.15
N LEU B 246 31.28 -0.48 -39.09
CA LEU B 246 31.18 0.53 -40.16
C LEU B 246 32.37 1.48 -40.17
N VAL B 247 32.85 1.82 -41.39
CA VAL B 247 34.07 2.60 -41.65
C VAL B 247 33.79 4.07 -42.11
N PRO B 248 34.57 5.10 -41.58
CA PRO B 248 34.36 6.47 -42.08
C PRO B 248 34.79 6.57 -43.53
N MET B 249 34.29 7.58 -44.27
CA MET B 249 34.56 7.72 -45.71
C MET B 249 35.47 8.90 -46.11
N SER B 264 30.66 13.85 -25.03
CA SER B 264 30.98 14.70 -23.87
C SER B 264 30.30 14.14 -22.64
N THR B 265 31.08 13.72 -21.61
CA THR B 265 30.51 13.09 -20.39
C THR B 265 29.55 14.02 -19.56
N PRO B 266 29.72 15.39 -19.46
CA PRO B 266 28.73 16.18 -18.73
C PRO B 266 27.36 16.26 -19.45
N ILE B 267 27.30 16.42 -20.81
CA ILE B 267 26.00 16.47 -21.54
C ILE B 267 25.26 15.13 -21.47
N LEU B 268 25.96 13.97 -21.66
CA LEU B 268 25.37 12.62 -21.60
C LEU B 268 24.64 12.43 -20.29
N ARG B 269 25.28 12.82 -19.17
CA ARG B 269 24.75 12.74 -17.82
C ARG B 269 23.54 13.68 -17.69
N LYS B 270 23.67 14.92 -18.18
CA LYS B 270 22.62 15.93 -18.13
C LYS B 270 21.40 15.57 -18.99
N VAL B 271 21.59 14.91 -20.14
CA VAL B 271 20.49 14.49 -21.01
C VAL B 271 19.67 13.39 -20.28
N ARG B 272 20.37 12.32 -19.85
CA ARG B 272 19.80 11.18 -19.16
C ARG B 272 19.12 11.63 -17.88
N ASN B 273 19.85 12.32 -16.99
CA ASN B 273 19.33 12.80 -15.71
C ASN B 273 18.10 13.69 -15.85
N THR B 274 18.10 14.65 -16.82
CA THR B 274 16.96 15.54 -17.03
C THR B 274 15.71 14.73 -17.44
N LEU B 275 15.81 13.95 -18.53
CA LEU B 275 14.72 13.15 -19.08
C LEU B 275 14.22 12.06 -18.11
N GLU B 276 15.14 11.31 -17.45
CA GLU B 276 14.81 10.26 -16.47
C GLU B 276 13.91 10.81 -15.36
N ALA B 277 14.25 12.01 -14.85
CA ALA B 277 13.53 12.72 -13.80
C ALA B 277 12.05 12.94 -14.14
N ILE B 278 11.74 13.40 -15.38
CA ILE B 278 10.40 13.64 -15.90
C ILE B 278 9.63 12.32 -15.95
N VAL B 279 10.22 11.25 -16.53
CA VAL B 279 9.65 9.89 -16.61
C VAL B 279 9.19 9.46 -15.22
N GLN B 280 10.08 9.64 -14.22
CA GLN B 280 9.88 9.28 -12.81
C GLN B 280 8.67 10.01 -12.21
N VAL B 281 8.46 11.28 -12.57
CA VAL B 281 7.32 12.11 -12.10
C VAL B 281 6.02 11.62 -12.75
N GLN B 282 6.08 11.26 -14.03
CA GLN B 282 4.95 10.77 -14.79
C GLN B 282 4.49 9.39 -14.32
N MET B 283 5.34 8.59 -13.66
CA MET B 283 4.89 7.31 -13.09
C MET B 283 4.14 7.61 -11.79
N ARG B 284 4.64 8.61 -11.03
CA ARG B 284 4.08 9.12 -9.79
C ARG B 284 2.65 9.65 -10.05
N CYS B 285 2.49 10.39 -11.18
CA CYS B 285 1.22 10.92 -11.60
C CYS B 285 0.24 9.78 -11.91
N ASN B 286 0.74 8.73 -12.59
CA ASN B 286 -0.03 7.57 -12.99
C ASN B 286 -0.57 6.83 -11.79
N ASP B 287 0.26 6.68 -10.72
CA ASP B 287 -0.14 6.04 -9.44
C ASP B 287 -1.37 6.76 -8.87
N ALA B 288 -1.31 8.11 -8.96
CA ALA B 288 -2.39 8.95 -8.49
C ALA B 288 -3.62 8.73 -9.35
N LEU B 289 -3.49 8.73 -10.67
CA LEU B 289 -4.64 8.59 -11.58
C LEU B 289 -5.38 7.26 -11.36
N ASP B 290 -4.65 6.16 -11.03
CA ASP B 290 -5.23 4.84 -10.75
C ASP B 290 -6.03 4.79 -9.41
N ASP B 291 -6.00 5.88 -8.62
CA ASP B 291 -6.69 5.98 -7.35
C ASP B 291 -8.20 6.01 -7.54
N PRO B 292 -8.94 5.27 -6.67
CA PRO B 292 -10.41 5.25 -6.74
C PRO B 292 -11.06 6.60 -6.46
N THR B 293 -10.51 7.36 -5.48
CA THR B 293 -11.00 8.68 -5.08
C THR B 293 -10.87 9.66 -6.28
N VAL B 294 -9.78 9.54 -7.08
CA VAL B 294 -9.52 10.36 -8.28
C VAL B 294 -10.63 10.15 -9.30
N ASN B 295 -11.06 8.88 -9.47
CA ASN B 295 -12.13 8.54 -10.41
C ASN B 295 -13.50 9.07 -9.98
N LEU B 296 -13.68 9.40 -8.67
CA LEU B 296 -14.92 10.02 -8.18
C LEU B 296 -14.92 11.52 -8.44
N PHE B 297 -13.81 12.20 -8.09
CA PHE B 297 -13.66 13.65 -8.21
C PHE B 297 -13.06 14.02 -9.55
N THR B 298 -13.94 14.40 -10.50
CA THR B 298 -13.59 14.72 -11.89
C THR B 298 -12.62 15.90 -11.99
N GLU B 299 -12.72 16.88 -11.08
CA GLU B 299 -11.85 18.06 -11.08
C GLU B 299 -10.42 17.66 -10.69
N VAL B 300 -10.31 16.60 -9.86
CA VAL B 300 -9.01 16.05 -9.45
C VAL B 300 -8.45 15.31 -10.66
N GLN B 301 -9.29 14.47 -11.30
CA GLN B 301 -8.95 13.70 -12.47
C GLN B 301 -8.42 14.62 -13.57
N LYS B 302 -9.09 15.77 -13.76
CA LYS B 302 -8.74 16.78 -14.74
C LYS B 302 -7.31 17.31 -14.49
N LYS B 303 -7.00 17.76 -13.25
CA LYS B 303 -5.70 18.34 -12.87
C LYS B 303 -4.50 17.41 -13.13
N LEU B 304 -4.68 16.13 -12.80
CA LEU B 304 -3.66 15.13 -12.97
C LEU B 304 -3.43 14.87 -14.45
N SER B 305 -4.53 14.84 -15.25
CA SER B 305 -4.47 14.66 -16.69
C SER B 305 -3.78 15.84 -17.34
N ASP B 306 -4.01 17.04 -16.76
CA ASP B 306 -3.41 18.27 -17.23
C ASP B 306 -1.92 18.30 -16.92
N PHE B 307 -1.54 17.77 -15.75
CA PHE B 307 -0.14 17.68 -15.35
C PHE B 307 0.62 16.71 -16.22
N GLN B 308 0.01 15.54 -16.56
CA GLN B 308 0.71 14.56 -17.40
C GLN B 308 0.90 15.12 -18.83
N LYS B 309 -0.07 15.93 -19.32
CA LYS B 309 0.02 16.59 -20.63
C LYS B 309 1.15 17.63 -20.61
N ILE B 310 1.17 18.47 -19.55
CA ILE B 310 2.19 19.49 -19.29
C ILE B 310 3.60 18.86 -19.34
N CYS B 311 3.78 17.71 -18.68
CA CYS B 311 5.04 17.01 -18.66
C CYS B 311 5.36 16.42 -20.02
N ASP B 312 4.36 15.86 -20.74
CA ASP B 312 4.57 15.27 -22.07
C ASP B 312 5.05 16.32 -23.05
N ASP B 313 4.41 17.50 -23.02
CA ASP B 313 4.71 18.67 -23.84
C ASP B 313 6.07 19.25 -23.48
N HIS B 314 6.43 19.22 -22.18
CA HIS B 314 7.71 19.71 -21.66
C HIS B 314 8.85 18.79 -22.11
N MET B 315 8.64 17.45 -22.02
CA MET B 315 9.63 16.48 -22.42
C MET B 315 9.85 16.48 -23.94
N SER B 316 8.75 16.62 -24.73
CA SER B 316 8.83 16.67 -26.21
C SER B 316 9.65 17.89 -26.66
N LYS B 317 9.44 19.05 -25.98
CA LYS B 317 10.12 20.33 -26.20
C LYS B 317 11.63 20.16 -26.01
N LEU B 318 12.04 19.57 -24.85
CA LEU B 318 13.42 19.27 -24.46
C LEU B 318 14.07 18.35 -25.50
N GLN B 319 13.42 17.21 -25.82
CA GLN B 319 13.86 16.21 -26.81
C GLN B 319 14.16 16.83 -28.15
N ALA B 320 13.31 17.77 -28.62
CA ALA B 320 13.47 18.49 -29.91
C ALA B 320 14.79 19.29 -29.93
N THR B 321 15.04 20.07 -28.86
CA THR B 321 16.24 20.89 -28.65
C THR B 321 17.47 19.96 -28.52
N ILE B 322 17.34 18.85 -27.74
CA ILE B 322 18.42 17.87 -27.54
C ILE B 322 18.82 17.28 -28.88
N ALA B 323 17.85 16.73 -29.66
CA ALA B 323 18.05 16.14 -30.99
C ALA B 323 18.69 17.14 -31.98
N LYS B 324 18.21 18.41 -31.98
CA LYS B 324 18.71 19.50 -32.83
C LYS B 324 20.16 19.87 -32.44
N LYS B 325 20.39 20.22 -31.15
CA LYS B 325 21.69 20.64 -30.62
C LYS B 325 22.70 19.49 -30.49
N LEU B 326 22.21 18.24 -30.42
CA LEU B 326 23.10 17.07 -30.33
C LEU B 326 23.79 16.90 -31.66
N PHE B 327 23.05 17.11 -32.76
CA PHE B 327 23.55 17.03 -34.12
C PHE B 327 24.77 17.94 -34.34
N ALA B 328 24.68 19.20 -33.85
CA ALA B 328 25.68 20.28 -33.93
C ALA B 328 27.14 19.83 -33.73
N ILE B 329 27.40 18.82 -32.88
CA ILE B 329 28.72 18.24 -32.55
C ILE B 329 29.66 18.02 -33.75
N ASP B 333 30.47 22.10 -35.38
CA ASP B 333 30.15 23.43 -35.88
C ASP B 333 29.63 24.40 -34.77
N GLU B 334 29.03 23.85 -33.69
CA GLU B 334 28.49 24.64 -32.59
C GLU B 334 29.18 24.24 -31.27
N ASP B 335 29.50 25.23 -30.43
CA ASP B 335 30.06 25.02 -29.11
C ASP B 335 28.92 24.48 -28.25
N GLU B 336 29.13 23.35 -27.55
CA GLU B 336 28.07 22.68 -26.77
C GLU B 336 27.43 23.58 -25.68
N SER B 337 28.01 24.77 -25.43
CA SER B 337 27.60 25.76 -24.41
C SER B 337 26.09 26.08 -24.42
N ALA B 338 25.48 26.19 -25.61
CA ALA B 338 24.05 26.47 -25.79
C ALA B 338 23.17 25.38 -25.16
N LEU B 339 23.51 24.10 -25.44
CA LEU B 339 22.81 22.93 -24.91
C LEU B 339 22.92 22.92 -23.40
N LEU B 340 24.12 23.23 -22.86
CA LEU B 340 24.40 23.29 -21.42
C LEU B 340 23.49 24.31 -20.74
N ASN B 341 23.28 25.47 -21.41
CA ASN B 341 22.44 26.56 -20.93
C ASN B 341 20.96 26.13 -20.76
N LEU B 342 20.44 25.27 -21.67
CA LEU B 342 19.04 24.78 -21.60
C LEU B 342 18.81 24.08 -20.26
N PHE B 343 19.80 23.24 -19.86
CA PHE B 343 19.79 22.48 -18.61
C PHE B 343 19.92 23.44 -17.42
N GLU B 344 20.89 24.39 -17.48
CA GLU B 344 21.11 25.43 -16.47
C GLU B 344 19.80 26.21 -16.26
N GLU B 345 19.12 26.57 -17.38
CA GLU B 345 17.83 27.30 -17.45
C GLU B 345 16.67 26.50 -16.85
N ASN B 346 16.68 25.17 -17.06
CA ASN B 346 15.65 24.26 -16.58
C ASN B 346 15.65 24.22 -15.07
N LEU B 347 16.84 24.23 -14.47
CA LEU B 347 16.95 24.22 -13.02
C LEU B 347 16.43 25.54 -12.42
N GLN B 348 16.58 26.66 -13.18
CA GLN B 348 16.11 28.01 -12.83
C GLN B 348 14.59 28.17 -13.04
N SER B 349 13.98 27.30 -13.86
CA SER B 349 12.56 27.34 -14.23
C SER B 349 11.62 26.68 -13.18
N PRO B 350 10.26 26.90 -13.27
CA PRO B 350 9.35 26.19 -12.35
C PRO B 350 9.20 24.73 -12.76
N PHE B 351 9.91 24.32 -13.84
CA PHE B 351 9.96 22.96 -14.33
C PHE B 351 11.09 22.18 -13.67
N ASN B 352 11.61 22.71 -12.53
CA ASN B 352 12.58 21.97 -11.75
C ASN B 352 11.87 20.74 -11.20
N ILE B 353 12.57 19.61 -11.10
CA ILE B 353 11.91 18.39 -10.69
C ILE B 353 11.38 18.48 -9.26
N GLU B 354 12.01 19.32 -8.40
CA GLU B 354 11.59 19.50 -7.00
C GLU B 354 10.21 20.07 -6.93
N SER B 355 9.93 21.04 -7.83
CA SER B 355 8.66 21.74 -7.97
C SER B 355 7.57 20.85 -8.54
N LEU B 356 7.88 20.04 -9.58
CA LEU B 356 6.96 19.09 -10.25
C LEU B 356 6.56 18.00 -9.29
N ASN B 357 7.51 17.54 -8.46
CA ASN B 357 7.28 16.56 -7.43
C ASN B 357 6.54 17.19 -6.27
N MET B 358 6.83 18.46 -5.97
CA MET B 358 6.17 19.21 -4.90
C MET B 358 4.68 19.38 -5.23
N TRP B 359 4.38 19.60 -6.51
CA TRP B 359 2.99 19.71 -6.94
C TRP B 359 2.34 18.36 -6.80
N MET B 360 3.01 17.29 -7.25
CA MET B 360 2.46 15.94 -7.14
C MET B 360 2.01 15.67 -5.70
N GLU B 361 2.88 16.00 -4.74
CA GLU B 361 2.72 15.88 -3.31
C GLU B 361 1.50 16.63 -2.83
N PHE B 362 1.27 17.84 -3.37
CA PHE B 362 0.10 18.66 -3.02
C PHE B 362 -1.16 17.94 -3.44
N GLU B 363 -1.22 17.51 -4.70
CA GLU B 363 -2.35 16.78 -5.26
C GLU B 363 -2.59 15.47 -4.49
N GLU B 364 -1.50 14.85 -3.99
CA GLU B 364 -1.56 13.63 -3.18
C GLU B 364 -2.29 13.90 -1.86
N ARG B 365 -2.00 15.08 -1.26
CA ARG B 365 -2.62 15.57 -0.04
C ARG B 365 -4.13 15.78 -0.27
N GLU B 366 -4.51 16.44 -1.39
CA GLU B 366 -5.93 16.65 -1.70
C GLU B 366 -6.66 15.30 -1.72
N ILE B 367 -6.04 14.31 -2.43
CA ILE B 367 -6.60 12.98 -2.57
C ILE B 367 -6.83 12.40 -1.16
N ASN B 368 -5.84 12.45 -0.26
CA ASN B 368 -6.00 11.92 1.10
C ASN B 368 -7.13 12.61 1.90
N VAL B 369 -7.28 13.98 1.84
CA VAL B 369 -8.33 14.63 2.65
C VAL B 369 -9.70 14.27 2.14
N LEU B 370 -9.91 14.19 0.80
CA LEU B 370 -11.20 13.81 0.20
C LEU B 370 -11.49 12.35 0.48
N ARG B 371 -10.46 11.50 0.38
CA ARG B 371 -10.56 10.08 0.64
C ARG B 371 -10.98 9.80 2.08
N SER B 372 -10.35 10.47 3.06
CA SER B 372 -10.61 10.31 4.47
C SER B 372 -12.02 10.68 4.76
N CYS B 373 -12.57 11.70 4.04
CA CYS B 373 -13.95 12.16 4.20
C CYS B 373 -14.89 11.12 3.66
N MET B 374 -14.65 10.65 2.42
CA MET B 374 -15.41 9.61 1.74
C MET B 374 -15.49 8.36 2.59
N ASP B 375 -14.35 7.88 3.06
CA ASP B 375 -14.27 6.70 3.93
C ASP B 375 -15.20 6.81 5.14
N ILE B 376 -15.37 8.02 5.73
CA ILE B 376 -16.27 8.23 6.87
C ILE B 376 -17.71 8.00 6.42
N LEU B 377 -18.12 8.76 5.39
CA LEU B 377 -19.44 8.78 4.78
C LEU B 377 -19.91 7.42 4.30
N THR B 378 -19.10 6.73 3.47
CA THR B 378 -19.44 5.41 2.87
C THR B 378 -20.07 4.44 3.90
N LYS B 379 -19.61 4.47 5.15
CA LYS B 379 -20.09 3.63 6.23
C LYS B 379 -21.59 3.85 6.56
N ALA B 380 -22.19 4.99 6.11
CA ALA B 380 -23.61 5.32 6.28
C ALA B 380 -24.44 4.79 5.11
N LYS B 381 -23.77 4.04 4.19
CA LYS B 381 -24.34 3.47 2.96
C LYS B 381 -25.15 4.56 2.17
N PRO B 382 -24.55 5.72 1.82
CA PRO B 382 -25.33 6.73 1.09
C PRO B 382 -25.28 6.50 -0.42
N LYS B 383 -26.11 7.22 -1.18
CA LYS B 383 -26.09 7.15 -2.66
C LYS B 383 -25.09 8.20 -3.13
N VAL B 384 -23.93 7.76 -3.64
CA VAL B 384 -22.84 8.68 -4.01
C VAL B 384 -22.96 9.08 -5.50
N ILE B 385 -23.74 10.13 -5.76
CA ILE B 385 -23.95 10.60 -7.12
C ILE B 385 -23.15 11.90 -7.36
N PHE B 386 -22.14 11.82 -8.23
CA PHE B 386 -21.32 12.98 -8.56
C PHE B 386 -21.80 13.63 -9.88
N ASN B 387 -22.84 13.08 -10.49
CA ASN B 387 -23.36 13.68 -11.72
C ASN B 387 -24.63 14.43 -11.34
N GLN B 388 -24.57 15.74 -11.47
CA GLN B 388 -25.66 16.64 -11.08
C GLN B 388 -26.99 16.27 -11.72
N GLY B 389 -26.95 15.80 -12.97
CA GLY B 389 -28.13 15.38 -13.69
C GLY B 389 -28.83 14.26 -12.95
N VAL B 390 -28.08 13.16 -12.73
CA VAL B 390 -28.54 11.96 -12.02
C VAL B 390 -28.91 12.30 -10.56
N LEU B 391 -28.12 13.20 -9.92
CA LEU B 391 -28.31 13.60 -8.53
C LEU B 391 -29.65 14.26 -8.32
N PHE B 392 -29.91 15.38 -9.06
CA PHE B 392 -31.13 16.15 -8.93
C PHE B 392 -32.34 15.39 -9.43
N LYS B 393 -32.18 14.44 -10.38
CA LYS B 393 -33.32 13.62 -10.79
C LYS B 393 -33.56 12.57 -9.68
N GLY B 394 -32.50 12.16 -9.01
CA GLY B 394 -32.58 11.22 -7.88
C GLY B 394 -33.18 11.86 -6.65
N LEU B 395 -32.77 13.12 -6.37
CA LEU B 395 -33.22 13.94 -5.24
C LEU B 395 -34.72 14.24 -5.32
N TYR B 396 -35.20 14.54 -6.54
CA TYR B 396 -36.56 14.98 -6.78
C TYR B 396 -37.52 13.82 -7.15
N ASP B 397 -37.20 12.62 -6.63
CA ASP B 397 -38.01 11.42 -6.81
C ASP B 397 -39.22 11.47 -5.85
N SER B 398 -40.35 10.86 -6.26
CA SER B 398 -41.59 10.80 -5.47
C SER B 398 -41.39 10.24 -4.05
N LYS B 399 -40.59 9.16 -3.93
CA LYS B 399 -40.38 8.41 -2.68
C LYS B 399 -39.47 9.14 -1.69
N VAL B 400 -38.72 10.17 -2.16
CA VAL B 400 -37.79 10.99 -1.35
C VAL B 400 -38.61 12.12 -0.65
N LYS B 401 -38.96 11.92 0.65
CA LYS B 401 -39.68 12.95 1.41
C LYS B 401 -38.65 14.00 1.89
N HIS B 402 -37.60 13.52 2.59
CA HIS B 402 -36.49 14.31 3.09
C HIS B 402 -35.18 13.85 2.44
N ALA B 403 -34.34 14.78 1.95
CA ALA B 403 -33.07 14.42 1.32
C ALA B 403 -31.91 15.16 1.95
N LEU B 404 -30.91 14.39 2.39
CA LEU B 404 -29.75 14.95 3.05
C LEU B 404 -28.48 14.66 2.23
N CYS B 405 -27.85 15.73 1.67
CA CYS B 405 -26.63 15.63 0.85
C CYS B 405 -25.44 16.17 1.56
N TYR B 406 -24.34 15.40 1.45
CA TYR B 406 -23.03 15.84 1.87
C TYR B 406 -22.36 16.33 0.61
N VAL B 407 -22.20 17.63 0.50
CA VAL B 407 -21.66 18.24 -0.70
C VAL B 407 -20.24 18.73 -0.49
N PHE B 408 -19.33 18.37 -1.40
CA PHE B 408 -17.95 18.87 -1.38
C PHE B 408 -17.98 20.23 -2.10
N THR B 409 -17.65 21.33 -1.40
CA THR B 409 -17.83 22.68 -1.93
C THR B 409 -16.52 23.43 -2.28
N ASN B 410 -15.37 22.73 -2.29
CA ASN B 410 -14.08 23.41 -2.56
C ASN B 410 -13.26 22.79 -3.70
N VAL B 411 -13.59 21.54 -4.14
CA VAL B 411 -12.84 20.86 -5.20
C VAL B 411 -12.94 21.64 -6.51
N THR B 412 -11.78 22.06 -7.05
CA THR B 412 -11.73 22.85 -8.27
C THR B 412 -10.71 22.30 -9.27
N LYS B 413 -11.03 22.38 -10.57
CA LYS B 413 -10.14 21.99 -11.68
C LYS B 413 -9.01 23.02 -11.88
N ASN B 414 -9.15 24.23 -11.30
CA ASN B 414 -8.15 25.29 -11.47
C ASN B 414 -7.02 25.17 -10.45
N ASP B 415 -5.77 25.34 -10.91
CA ASP B 415 -4.58 25.26 -10.06
C ASP B 415 -3.57 26.34 -10.48
N VAL B 416 -3.14 27.18 -9.50
CA VAL B 416 -2.17 28.27 -9.69
C VAL B 416 -0.87 27.74 -10.35
N PHE B 417 -0.27 26.68 -9.78
CA PHE B 417 0.99 26.17 -10.28
C PHE B 417 0.87 25.55 -11.65
N LEU B 418 -0.22 24.81 -11.92
CA LEU B 418 -0.42 24.20 -13.24
C LEU B 418 -0.49 25.26 -14.35
N ASN B 419 -1.09 26.43 -14.02
CA ASN B 419 -1.18 27.61 -14.90
C ASN B 419 0.22 28.19 -15.14
N VAL B 420 1.03 28.32 -14.05
CA VAL B 420 2.44 28.77 -14.10
C VAL B 420 3.21 27.90 -15.09
N LEU B 421 3.04 26.56 -14.97
CA LEU B 421 3.70 25.58 -15.82
C LEU B 421 3.31 25.72 -17.30
N ASN B 422 2.00 25.93 -17.60
CA ASN B 422 1.50 26.11 -18.96
C ASN B 422 2.01 27.42 -19.53
N GLU B 423 2.05 28.47 -18.66
CA GLU B 423 2.53 29.82 -18.94
C GLU B 423 4.04 29.78 -19.30
N PHE B 424 4.82 28.90 -18.66
CA PHE B 424 6.25 28.75 -18.96
C PHE B 424 6.47 27.95 -20.26
N LEU B 425 5.53 27.02 -20.59
CA LEU B 425 5.59 26.21 -21.81
C LEU B 425 5.32 27.06 -23.07
N ASP B 426 4.37 28.01 -22.96
CA ASP B 426 3.99 28.89 -24.06
C ASP B 426 4.87 30.15 -24.10
N SER B 427 5.07 30.82 -22.94
CA SER B 427 5.81 32.07 -22.82
C SER B 427 7.01 31.98 -21.83
N PRO B 428 8.15 31.34 -22.20
CA PRO B 428 9.31 31.31 -21.27
C PRO B 428 10.03 32.67 -21.14
N PRO B 432 7.72 34.21 -14.18
CA PRO B 432 6.48 33.57 -13.73
C PRO B 432 6.12 33.95 -12.29
N LYS B 433 4.85 33.70 -11.89
CA LYS B 433 4.35 33.97 -10.52
C LYS B 433 5.20 33.24 -9.45
N LYS B 434 5.52 31.95 -9.72
CA LYS B 434 6.22 31.06 -8.80
C LYS B 434 7.17 30.14 -9.53
N LEU B 435 8.05 29.49 -8.77
CA LEU B 435 8.97 28.47 -9.25
C LEU B 435 8.71 27.19 -8.46
N ARG B 436 7.90 27.32 -7.39
CA ARG B 436 7.48 26.30 -6.43
C ARG B 436 5.99 26.39 -6.20
N PRO B 437 5.24 25.28 -6.09
CA PRO B 437 3.81 25.41 -5.72
C PRO B 437 3.71 25.90 -4.27
N SER B 438 2.76 26.79 -3.97
CA SER B 438 2.63 27.36 -2.62
C SER B 438 1.47 26.73 -1.83
N PRO B 439 1.70 26.36 -0.55
CA PRO B 439 0.61 25.78 0.25
C PRO B 439 -0.56 26.73 0.41
N LYS B 440 -0.28 28.02 0.19
CA LYS B 440 -1.21 29.13 0.29
C LYS B 440 -2.18 29.17 -0.91
N ASP B 441 -1.93 28.38 -1.96
CA ASP B 441 -2.84 28.37 -3.10
C ASP B 441 -3.84 27.21 -3.01
N TYR B 442 -3.78 26.35 -1.97
CA TYR B 442 -4.63 25.15 -1.87
C TYR B 442 -5.33 25.02 -0.52
N TRP B 443 -6.67 24.78 -0.52
CA TRP B 443 -7.49 24.67 0.70
C TRP B 443 -7.05 23.49 1.59
N TYR B 444 -6.81 22.35 0.96
CA TYR B 444 -6.46 21.07 1.55
C TYR B 444 -5.05 20.99 2.18
N SER B 445 -4.24 22.07 2.08
CA SER B 445 -2.89 22.07 2.62
C SER B 445 -2.82 21.90 4.12
N TYR B 446 -3.66 22.63 4.86
CA TYR B 446 -3.58 22.62 6.30
C TYR B 446 -4.61 21.68 6.90
N ASP B 447 -4.78 21.68 8.23
CA ASP B 447 -5.63 20.73 8.90
C ASP B 447 -7.00 21.24 9.31
N ASP B 448 -7.19 22.55 9.53
CA ASP B 448 -8.47 23.08 10.04
C ASP B 448 -9.66 22.84 9.11
N ILE B 449 -9.54 23.13 7.80
CA ILE B 449 -10.66 22.94 6.85
C ILE B 449 -10.93 21.43 6.76
N PRO B 450 -9.93 20.54 6.47
CA PRO B 450 -10.25 19.10 6.42
C PRO B 450 -10.82 18.53 7.72
N GLU B 451 -10.40 19.04 8.89
CA GLU B 451 -10.89 18.60 10.19
C GLU B 451 -12.37 18.88 10.36
N THR B 452 -12.85 20.05 9.91
CA THR B 452 -14.27 20.38 10.02
C THR B 452 -15.06 19.60 8.94
N MET B 453 -14.39 19.21 7.84
CA MET B 453 -14.98 18.42 6.77
C MET B 453 -15.24 17.03 7.30
N ARG B 454 -14.25 16.48 8.06
CA ARG B 454 -14.36 15.21 8.75
C ARG B 454 -15.48 15.27 9.84
N GLU B 455 -15.63 16.41 10.57
CA GLU B 455 -16.69 16.61 11.58
C GLU B 455 -18.09 16.47 10.99
N LYS B 456 -18.37 17.19 9.90
CA LYS B 456 -19.68 17.17 9.21
C LYS B 456 -19.93 15.78 8.66
N ALA B 457 -18.85 15.05 8.30
CA ALA B 457 -18.95 13.71 7.77
C ALA B 457 -19.50 12.76 8.85
N TYR B 458 -18.93 12.79 10.06
CA TYR B 458 -19.37 12.02 11.22
C TYR B 458 -20.82 12.33 11.58
N LEU B 459 -21.20 13.61 11.56
CA LEU B 459 -22.56 14.07 11.84
C LEU B 459 -23.53 13.51 10.81
N PHE B 460 -23.16 13.62 9.51
CA PHE B 460 -23.91 13.07 8.39
C PHE B 460 -24.11 11.60 8.65
N ARG B 461 -23.04 10.84 8.95
CA ARG B 461 -23.18 9.42 9.24
C ARG B 461 -24.13 9.16 10.43
N ASN B 462 -24.09 10.00 11.48
CA ASN B 462 -24.94 9.86 12.65
C ASN B 462 -26.41 10.06 12.29
N LEU B 463 -26.72 11.15 11.53
CA LEU B 463 -28.08 11.41 11.05
C LEU B 463 -28.55 10.18 10.28
N ALA B 464 -27.72 9.68 9.35
CA ALA B 464 -27.95 8.47 8.56
C ALA B 464 -28.30 7.27 9.42
N LYS B 465 -27.63 7.10 10.58
CA LYS B 465 -27.88 5.99 11.50
C LYS B 465 -29.22 6.14 12.18
N GLU B 466 -29.56 7.34 12.66
CA GLU B 466 -30.82 7.50 13.36
C GLU B 466 -32.00 7.67 12.39
N MET B 467 -31.73 7.90 11.08
CA MET B 467 -32.77 8.06 10.06
C MET B 467 -32.62 7.01 8.92
N ASN B 468 -32.53 5.72 9.31
CA ASN B 468 -32.38 4.65 8.33
C ASN B 468 -33.77 4.10 7.98
N ASN B 469 -34.51 4.88 7.15
CA ASN B 469 -35.88 4.56 6.77
C ASN B 469 -36.18 4.78 5.26
N ARG B 470 -37.47 4.60 4.91
CA ARG B 470 -38.05 4.69 3.57
C ARG B 470 -38.27 6.13 3.09
N CYS B 471 -38.27 7.12 4.01
CA CYS B 471 -38.57 8.51 3.71
C CYS B 471 -37.35 9.37 3.50
N VAL B 472 -36.34 9.22 4.39
CA VAL B 472 -35.14 10.05 4.39
C VAL B 472 -34.03 9.36 3.60
N HIS B 473 -33.48 10.08 2.59
CA HIS B 473 -32.42 9.59 1.71
C HIS B 473 -31.18 10.42 1.80
N PHE B 474 -30.03 9.72 1.87
CA PHE B 474 -28.69 10.32 2.01
C PHE B 474 -27.89 10.20 0.72
N PHE B 475 -27.33 11.32 0.26
CA PHE B 475 -26.52 11.37 -0.95
C PHE B 475 -25.16 12.03 -0.71
N VAL B 476 -24.17 11.74 -1.57
CA VAL B 476 -22.86 12.39 -1.53
C VAL B 476 -22.57 12.95 -2.93
N THR B 477 -22.06 14.19 -3.03
CA THR B 477 -21.76 14.81 -4.32
C THR B 477 -20.72 15.92 -4.19
N ALA B 478 -20.38 16.56 -5.30
CA ALA B 478 -19.48 17.69 -5.32
C ALA B 478 -20.11 18.83 -6.12
N ILE B 479 -20.36 19.96 -5.44
CA ILE B 479 -20.92 21.17 -6.05
C ILE B 479 -20.06 22.32 -5.55
N HIS B 480 -19.09 22.74 -6.38
CA HIS B 480 -18.17 23.81 -6.01
C HIS B 480 -18.90 25.07 -5.71
N ASN B 481 -18.59 25.69 -4.57
CA ASN B 481 -19.17 26.97 -4.21
C ASN B 481 -18.21 27.75 -3.32
N PRO B 482 -17.82 28.96 -3.78
CA PRO B 482 -16.85 29.77 -3.01
C PRO B 482 -17.41 30.31 -1.70
N LYS B 483 -18.74 30.41 -1.55
CA LYS B 483 -19.36 30.95 -0.33
C LYS B 483 -19.40 29.91 0.84
N GLN B 484 -19.21 28.61 0.54
CA GLN B 484 -19.21 27.52 1.53
C GLN B 484 -17.80 26.89 1.57
N GLU B 485 -17.29 26.64 2.78
CA GLU B 485 -15.96 26.09 2.89
C GLU B 485 -15.92 24.63 3.23
N GLY B 486 -15.06 23.95 2.49
CA GLY B 486 -14.77 22.53 2.61
C GLY B 486 -15.89 21.69 2.06
N ALA B 487 -16.96 21.56 2.86
CA ALA B 487 -18.15 20.82 2.52
C ALA B 487 -19.34 21.33 3.35
N GLY B 488 -20.54 20.84 3.01
CA GLY B 488 -21.77 21.18 3.72
C GLY B 488 -22.83 20.12 3.64
N ILE B 489 -23.73 20.09 4.65
CA ILE B 489 -24.85 19.15 4.69
C ILE B 489 -26.10 19.89 4.18
N HIS B 490 -26.51 19.59 2.93
CA HIS B 490 -27.65 20.23 2.26
C HIS B 490 -28.90 19.44 2.51
N TYR B 491 -30.00 20.15 2.72
CA TYR B 491 -31.29 19.52 2.96
C TYR B 491 -32.25 19.98 1.89
N TYR B 492 -32.61 19.02 1.03
CA TYR B 492 -33.61 19.17 -0.02
C TYR B 492 -34.86 18.38 0.39
N ARG B 493 -36.02 18.97 0.17
CA ARG B 493 -37.31 18.35 0.43
C ARG B 493 -38.15 18.60 -0.81
N GLU B 494 -38.55 17.50 -1.46
CA GLU B 494 -39.30 17.46 -2.71
C GLU B 494 -38.48 18.21 -3.80
N SER B 495 -38.94 19.31 -4.35
CA SER B 495 -38.19 19.98 -5.41
C SER B 495 -37.21 21.10 -4.96
N ILE B 496 -37.18 21.51 -3.67
CA ILE B 496 -36.39 22.70 -3.33
C ILE B 496 -35.33 22.42 -2.28
N GLN B 497 -34.32 23.31 -2.20
CA GLN B 497 -33.31 23.26 -1.17
C GLN B 497 -33.81 24.11 -0.01
N ILE B 498 -34.10 23.47 1.14
CA ILE B 498 -34.60 24.11 2.34
C ILE B 498 -33.43 24.82 3.07
N ILE B 499 -32.29 24.12 3.33
CA ILE B 499 -31.15 24.71 4.02
C ILE B 499 -29.79 24.14 3.46
N ASP B 500 -28.70 24.95 3.48
CA ASP B 500 -27.42 24.48 2.93
C ASP B 500 -26.43 24.07 4.05
N GLU B 501 -26.90 24.07 5.33
CA GLU B 501 -26.09 23.59 6.46
C GLU B 501 -26.97 22.99 7.57
N PHE B 502 -27.51 21.78 7.28
CA PHE B 502 -28.37 21.01 8.16
C PHE B 502 -27.62 20.42 9.33
N THR B 503 -28.28 20.31 10.50
CA THR B 503 -27.73 19.70 11.72
C THR B 503 -28.78 18.82 12.41
N LYS B 504 -30.02 19.34 12.51
CA LYS B 504 -31.17 18.71 13.16
C LYS B 504 -32.44 19.02 12.38
N PRO B 505 -33.52 18.21 12.53
CA PRO B 505 -34.78 18.55 11.87
C PRO B 505 -35.55 19.63 12.64
N TYR B 506 -35.16 19.92 13.91
CA TYR B 506 -35.75 20.93 14.80
C TYR B 506 -37.25 20.71 14.98
N MET B 507 -37.62 19.45 15.21
CA MET B 507 -38.95 18.90 15.43
C MET B 507 -39.81 19.77 16.32
N PRO B 508 -41.08 20.08 15.94
CA PRO B 508 -41.92 20.93 16.79
C PRO B 508 -42.58 20.11 17.91
N GLY B 509 -43.22 20.80 18.86
CA GLY B 509 -43.93 20.14 19.95
C GLY B 509 -44.90 19.13 19.38
N VAL B 510 -44.86 17.89 19.87
CA VAL B 510 -45.68 16.77 19.38
C VAL B 510 -47.22 17.08 19.30
N GLU B 511 -47.78 17.83 20.27
CA GLU B 511 -49.22 18.13 20.25
C GLU B 511 -49.53 19.18 19.16
N SER B 512 -48.48 19.84 18.65
CA SER B 512 -48.56 20.89 17.64
C SER B 512 -48.34 20.40 16.21
N ILE B 513 -47.98 19.13 16.00
CA ILE B 513 -47.65 18.66 14.65
C ILE B 513 -48.92 18.49 13.74
N LYS B 514 -48.87 19.17 12.57
CA LYS B 514 -49.88 19.17 11.51
C LYS B 514 -49.30 18.57 10.20
N ASP B 515 -47.97 18.74 9.96
CA ASP B 515 -47.31 18.25 8.73
C ASP B 515 -46.81 16.79 8.89
N ARG B 516 -47.32 15.88 8.04
CA ARG B 516 -46.97 14.44 8.05
C ARG B 516 -45.47 14.20 7.85
N ARG B 517 -44.81 15.01 6.96
CA ARG B 517 -43.39 14.94 6.62
C ARG B 517 -42.54 15.03 7.86
N GLU B 518 -42.91 15.96 8.75
CA GLU B 518 -42.23 16.21 10.02
C GLU B 518 -42.07 14.92 10.75
N LEU B 519 -43.15 14.16 10.94
CA LEU B 519 -43.10 12.86 11.62
C LEU B 519 -42.39 11.81 10.77
N GLN B 520 -42.52 11.90 9.44
CA GLN B 520 -41.91 10.93 8.53
C GLN B 520 -40.39 11.01 8.52
N TRP B 521 -39.79 12.04 9.18
CA TRP B 521 -38.34 12.13 9.41
C TRP B 521 -37.87 10.83 10.08
N TYR B 522 -38.77 10.24 10.92
CA TYR B 522 -38.51 9.07 11.72
C TYR B 522 -39.39 7.89 11.34
N ASP B 523 -39.64 7.69 10.03
CA ASP B 523 -40.45 6.56 9.51
C ASP B 523 -40.01 5.24 10.10
N CYS B 524 -40.93 4.49 10.69
CA CYS B 524 -40.58 3.24 11.35
C CYS B 524 -41.40 2.05 10.82
N GLU B 525 -40.75 1.16 10.07
CA GLU B 525 -41.36 -0.07 9.53
C GLU B 525 -41.57 -1.05 10.66
N LEU B 526 -42.76 -1.64 10.77
CA LEU B 526 -43.01 -2.60 11.82
C LEU B 526 -43.65 -3.85 11.28
N THR B 527 -43.22 -5.02 11.76
CA THR B 527 -43.84 -6.31 11.42
C THR B 527 -44.26 -6.96 12.74
N LEU B 528 -45.45 -7.56 12.77
CA LEU B 528 -46.00 -8.19 13.97
C LEU B 528 -45.25 -9.46 14.28
N ASP B 529 -45.06 -9.73 15.56
CA ASP B 529 -44.39 -10.93 15.99
C ASP B 529 -45.43 -12.02 16.14
N PRO B 530 -45.40 -13.10 15.32
CA PRO B 530 -46.47 -14.11 15.38
C PRO B 530 -46.50 -14.90 16.69
N GLU B 531 -45.34 -15.06 17.34
CA GLU B 531 -45.23 -15.81 18.60
C GLU B 531 -46.01 -15.13 19.75
N THR B 532 -46.19 -13.81 19.69
CA THR B 532 -46.90 -13.07 20.73
C THR B 532 -48.41 -13.04 20.46
N ALA B 533 -48.81 -13.07 19.18
CA ALA B 533 -50.20 -12.97 18.72
C ALA B 533 -51.11 -14.08 19.24
N HIS B 534 -52.34 -13.72 19.63
CA HIS B 534 -53.37 -14.66 20.07
C HIS B 534 -53.73 -15.60 18.92
N GLN B 535 -54.22 -16.80 19.27
CA GLN B 535 -54.65 -17.86 18.35
C GLN B 535 -55.86 -17.38 17.53
N VAL B 536 -56.67 -16.48 18.12
CA VAL B 536 -57.87 -15.87 17.52
C VAL B 536 -57.47 -15.02 16.30
N LEU B 537 -56.34 -14.31 16.43
CA LEU B 537 -55.82 -13.40 15.43
C LEU B 537 -55.22 -14.12 14.25
N THR B 538 -55.59 -13.67 13.03
CA THR B 538 -55.08 -14.18 11.77
C THR B 538 -54.16 -13.12 11.15
N LEU B 539 -52.87 -13.46 11.10
CA LEU B 539 -51.83 -12.60 10.57
C LEU B 539 -51.50 -13.00 9.15
N SER B 540 -51.43 -12.03 8.23
CA SER B 540 -51.08 -12.24 6.83
C SER B 540 -50.28 -11.05 6.28
N GLU B 541 -49.96 -11.09 4.96
CA GLU B 541 -49.24 -10.06 4.19
C GLU B 541 -47.89 -9.74 4.85
N GLY B 542 -47.20 -10.79 5.28
CA GLY B 542 -45.88 -10.68 5.91
C GLY B 542 -45.90 -10.09 7.30
N ASN B 543 -46.97 -10.41 8.05
CA ASN B 543 -47.26 -9.98 9.42
C ASN B 543 -47.39 -8.44 9.50
N LYS B 544 -48.01 -7.85 8.47
CA LYS B 544 -48.33 -6.43 8.40
C LYS B 544 -49.85 -6.29 8.66
N LYS B 545 -50.68 -7.27 8.18
CA LYS B 545 -52.14 -7.31 8.44
C LYS B 545 -52.46 -8.38 9.50
N ALA B 546 -53.37 -8.08 10.46
CA ALA B 546 -53.79 -9.00 11.51
C ALA B 546 -55.25 -8.80 11.80
N VAL B 547 -56.09 -9.84 11.54
CA VAL B 547 -57.56 -9.81 11.65
C VAL B 547 -58.09 -10.71 12.80
N SER B 548 -59.08 -10.20 13.53
CA SER B 548 -59.77 -10.87 14.64
C SER B 548 -60.97 -11.71 14.08
N THR B 551 -62.74 -18.64 16.24
CA THR B 551 -61.80 -19.01 15.18
C THR B 551 -60.35 -18.92 15.73
N LYS B 552 -59.99 -19.89 16.61
CA LYS B 552 -58.65 -19.97 17.21
C LYS B 552 -57.74 -20.88 16.37
N SER B 553 -56.46 -20.95 16.73
CA SER B 553 -55.42 -21.75 16.05
C SER B 553 -54.82 -22.78 17.02
N PRO B 554 -54.51 -24.02 16.57
CA PRO B 554 -53.91 -25.01 17.50
C PRO B 554 -52.53 -24.61 18.03
N THR B 555 -51.67 -23.97 17.19
CA THR B 555 -50.30 -23.55 17.57
C THR B 555 -50.31 -22.61 18.78
N ASP B 556 -49.33 -22.79 19.69
CA ASP B 556 -49.18 -21.99 20.92
C ASP B 556 -47.70 -21.74 21.19
N HIS B 557 -47.41 -20.72 22.03
CA HIS B 557 -46.04 -20.36 22.39
C HIS B 557 -45.96 -19.85 23.85
N LEU B 558 -44.73 -19.85 24.41
CA LEU B 558 -44.42 -19.39 25.77
C LEU B 558 -44.51 -17.86 25.88
N GLU B 559 -44.47 -17.15 24.73
CA GLU B 559 -44.57 -15.69 24.62
C GLU B 559 -45.96 -15.25 24.07
N LYS B 560 -46.91 -16.24 23.92
CA LYS B 560 -48.26 -16.06 23.37
C LYS B 560 -49.22 -15.45 24.39
N PHE B 561 -50.06 -14.52 23.92
CA PHE B 561 -51.07 -13.86 24.74
C PHE B 561 -52.29 -14.76 24.73
N SER B 562 -52.42 -15.55 25.80
CA SER B 562 -53.42 -16.57 26.03
C SER B 562 -54.81 -16.04 26.34
N HIS B 563 -54.94 -15.00 27.21
CA HIS B 563 -56.28 -14.53 27.57
C HIS B 563 -56.75 -13.34 26.72
N PHE B 564 -55.95 -12.26 26.69
CA PHE B 564 -56.26 -11.02 25.96
C PHE B 564 -55.83 -11.15 24.52
N GLN B 565 -56.61 -10.53 23.62
CA GLN B 565 -56.35 -10.57 22.20
C GLN B 565 -55.32 -9.52 21.85
N GLN B 566 -54.06 -9.80 22.22
CA GLN B 566 -52.96 -8.87 22.03
C GLN B 566 -51.83 -9.49 21.21
N VAL B 567 -51.13 -8.63 20.43
CA VAL B 567 -49.99 -8.98 19.56
C VAL B 567 -48.93 -7.89 19.63
N MET B 568 -47.66 -8.28 19.69
CA MET B 568 -46.53 -7.34 19.73
C MET B 568 -45.73 -7.32 18.43
N CYS B 569 -44.91 -6.31 18.24
CA CYS B 569 -44.03 -6.25 17.08
C CYS B 569 -42.64 -6.82 17.45
N THR B 570 -41.80 -7.06 16.45
CA THR B 570 -40.48 -7.67 16.67
C THR B 570 -39.47 -6.67 17.24
N LYS B 571 -39.56 -5.38 16.85
CA LYS B 571 -38.64 -4.30 17.25
C LYS B 571 -38.91 -3.72 18.65
N GLY B 572 -37.83 -3.45 19.39
CA GLY B 572 -37.86 -2.81 20.70
C GLY B 572 -37.25 -1.44 20.57
N LEU B 573 -38.07 -0.37 20.68
CA LEU B 573 -37.67 1.02 20.41
C LEU B 573 -37.24 1.84 21.63
N SER B 574 -36.19 2.66 21.40
CA SER B 574 -35.49 3.49 22.37
C SER B 574 -35.19 4.98 21.92
N GLY B 575 -35.76 5.42 20.80
CA GLY B 575 -35.53 6.77 20.30
C GLY B 575 -36.73 7.47 19.73
N ARG B 576 -36.59 7.93 18.46
CA ARG B 576 -37.64 8.65 17.73
C ARG B 576 -38.10 7.78 16.56
N HIS B 577 -39.32 7.22 16.68
CA HIS B 577 -39.90 6.32 15.70
C HIS B 577 -41.34 6.65 15.43
N TYR B 578 -41.70 6.70 14.15
CA TYR B 578 -43.06 7.02 13.72
C TYR B 578 -43.60 5.95 12.77
N TRP B 579 -44.60 5.19 13.25
CA TRP B 579 -45.27 4.17 12.46
C TRP B 579 -46.76 4.48 12.32
N GLU B 580 -47.31 4.21 11.15
CA GLU B 580 -48.72 4.46 10.90
C GLU B 580 -49.39 3.17 10.38
N LEU B 581 -50.63 2.95 10.83
CA LEU B 581 -51.40 1.75 10.51
C LEU B 581 -52.84 2.06 10.09
N GLU B 582 -53.48 1.07 9.43
CA GLU B 582 -54.89 1.12 9.05
C GLU B 582 -55.64 0.29 10.09
N TRP B 583 -56.68 0.85 10.73
CA TRP B 583 -57.45 0.13 11.75
C TRP B 583 -58.95 0.27 11.47
N SER B 584 -59.78 -0.68 11.96
CA SER B 584 -61.20 -0.64 11.64
C SER B 584 -62.15 -0.67 12.86
N GLY B 585 -61.98 -1.65 13.74
CA GLY B 585 -62.90 -1.78 14.87
C GLY B 585 -62.34 -2.31 16.17
N TYR B 586 -62.65 -1.59 17.26
CA TYR B 586 -62.28 -1.89 18.65
C TYR B 586 -60.74 -1.97 18.89
N VAL B 587 -59.91 -1.73 17.87
CA VAL B 587 -58.45 -1.82 17.96
C VAL B 587 -57.90 -0.87 19.04
N GLY B 588 -56.90 -1.37 19.77
CA GLY B 588 -56.17 -0.64 20.80
C GLY B 588 -54.70 -0.59 20.45
N ALA B 589 -54.16 0.60 20.13
CA ALA B 589 -52.75 0.76 19.76
C ALA B 589 -51.96 1.49 20.82
N GLY B 590 -50.75 0.98 21.07
CA GLY B 590 -49.82 1.53 22.04
C GLY B 590 -48.46 0.83 22.06
N VAL B 591 -47.75 0.99 23.19
CA VAL B 591 -46.43 0.44 23.42
C VAL B 591 -46.38 -0.26 24.80
N THR B 592 -45.39 -1.13 25.02
CA THR B 592 -45.18 -1.89 26.27
C THR B 592 -43.74 -2.40 26.47
N TYR B 593 -43.34 -2.59 27.72
CA TYR B 593 -42.09 -3.24 28.03
C TYR B 593 -42.35 -4.73 27.81
N LYS B 594 -41.32 -5.56 27.58
CA LYS B 594 -41.57 -6.98 27.41
C LYS B 594 -41.88 -7.66 28.77
N GLY B 595 -41.81 -6.87 29.84
CA GLY B 595 -42.13 -7.31 31.19
C GLY B 595 -43.59 -7.67 31.43
N ILE B 596 -44.48 -7.31 30.50
CA ILE B 596 -45.91 -7.62 30.56
C ILE B 596 -46.07 -9.14 30.57
N GLY B 597 -47.00 -9.61 31.39
CA GLY B 597 -47.32 -11.02 31.54
C GLY B 597 -47.96 -11.53 30.27
N ARG B 598 -47.71 -12.78 29.90
CA ARG B 598 -48.29 -13.34 28.68
C ARG B 598 -49.47 -14.23 29.00
N LYS B 599 -49.42 -14.86 30.20
CA LYS B 599 -50.38 -15.86 30.66
C LYS B 599 -51.22 -15.45 31.90
N THR B 600 -52.08 -14.41 31.76
CA THR B 600 -52.99 -13.96 32.82
C THR B 600 -54.24 -13.33 32.25
N SER B 601 -55.32 -13.32 33.06
CA SER B 601 -56.60 -12.67 32.84
C SER B 601 -56.70 -11.57 33.89
N THR B 602 -55.53 -11.02 34.23
CA THR B 602 -55.22 -10.02 35.24
C THR B 602 -54.65 -8.72 34.58
N SER B 603 -54.55 -7.64 35.40
CA SER B 603 -54.01 -6.34 35.03
C SER B 603 -52.61 -6.48 34.46
N ASP B 604 -51.82 -7.44 35.02
CA ASP B 604 -50.44 -7.77 34.67
C ASP B 604 -50.25 -8.17 33.19
N SER B 605 -51.34 -8.49 32.45
CA SER B 605 -51.24 -8.88 31.04
C SER B 605 -51.99 -8.00 30.04
N SER B 606 -52.93 -7.12 30.50
CA SER B 606 -53.65 -6.26 29.56
C SER B 606 -52.95 -4.93 29.39
N LEU B 607 -52.85 -4.44 28.13
CA LEU B 607 -52.21 -3.19 27.75
C LEU B 607 -52.90 -1.98 28.41
N GLY B 608 -52.14 -1.21 29.17
CA GLY B 608 -52.67 -0.04 29.85
C GLY B 608 -53.00 -0.27 31.32
N LYS B 609 -53.28 -1.53 31.70
CA LYS B 609 -53.62 -1.94 33.07
C LYS B 609 -52.35 -2.11 33.95
N ASN B 610 -51.18 -2.05 33.27
CA ASN B 610 -49.85 -2.09 33.83
C ASN B 610 -49.34 -0.70 34.05
N GLU B 611 -48.20 -0.60 34.72
CA GLU B 611 -47.41 0.61 34.89
C GLU B 611 -46.24 0.50 33.84
N LYS B 612 -46.34 -0.54 32.98
CA LYS B 612 -45.42 -0.99 31.94
C LYS B 612 -46.03 -0.89 30.54
N SER B 613 -47.29 -0.45 30.44
CA SER B 613 -48.00 -0.44 29.16
C SER B 613 -48.89 0.82 28.96
N TRP B 614 -48.93 1.31 27.71
CA TRP B 614 -49.72 2.47 27.30
C TRP B 614 -50.60 2.08 26.14
N LEU B 615 -51.89 2.49 26.17
CA LEU B 615 -52.84 2.13 25.11
C LEU B 615 -53.78 3.28 24.71
N PHE B 616 -54.23 3.21 23.45
CA PHE B 616 -55.16 4.13 22.85
C PHE B 616 -56.07 3.30 21.96
N GLU B 617 -57.28 3.03 22.46
CA GLU B 617 -58.29 2.19 21.81
C GLU B 617 -59.53 2.95 21.41
N TYR B 618 -60.28 2.38 20.48
CA TYR B 618 -61.57 2.89 20.03
C TYR B 618 -62.65 1.89 20.54
N SER B 619 -63.80 2.41 21.06
CA SER B 619 -64.95 1.66 21.61
C SER B 619 -65.49 0.64 20.63
N TYR B 624 -63.04 6.26 21.78
CA TYR B 624 -61.65 6.77 21.87
C TYR B 624 -61.24 7.07 23.31
N GLN B 625 -60.49 6.15 23.92
CA GLN B 625 -59.94 6.24 25.28
C GLN B 625 -58.42 6.13 25.42
N GLN B 626 -57.83 6.69 26.49
CA GLN B 626 -56.40 6.60 26.78
C GLN B 626 -56.17 5.80 28.06
N ILE B 627 -55.58 4.62 27.94
CA ILE B 627 -55.37 3.79 29.13
C ILE B 627 -53.89 3.75 29.46
N HIS B 628 -53.59 3.90 30.76
CA HIS B 628 -52.30 3.76 31.43
C HIS B 628 -52.52 3.71 32.91
N ASN B 629 -51.88 2.72 33.57
CA ASN B 629 -51.93 2.47 35.01
C ASN B 629 -53.38 2.25 35.48
N SER B 630 -54.10 1.41 34.71
CA SER B 630 -55.50 1.02 34.91
C SER B 630 -56.41 2.27 35.05
N LYS B 631 -56.00 3.38 34.42
CA LYS B 631 -56.75 4.65 34.41
C LYS B 631 -57.14 5.00 32.98
N LYS B 632 -58.45 5.02 32.71
CA LYS B 632 -59.02 5.34 31.40
C LYS B 632 -59.56 6.77 31.40
N THR B 633 -59.31 7.53 30.29
CA THR B 633 -59.80 8.90 30.09
C THR B 633 -60.23 9.06 28.61
N ARG B 634 -61.26 9.89 28.34
CA ARG B 634 -61.79 10.06 26.99
C ARG B 634 -61.01 11.08 26.17
N VAL B 635 -60.95 10.87 24.83
CA VAL B 635 -60.25 11.80 23.94
C VAL B 635 -61.24 12.20 22.81
N THR B 636 -61.42 13.51 22.63
CA THR B 636 -62.33 14.15 21.68
C THR B 636 -61.84 13.97 20.23
N VAL B 637 -62.64 13.30 19.38
CA VAL B 637 -62.26 13.08 17.97
C VAL B 637 -63.41 13.54 17.04
N SER B 638 -63.14 14.59 16.21
CA SER B 638 -64.06 15.22 15.26
C SER B 638 -64.49 14.24 14.19
N SER B 639 -63.54 13.49 13.62
CA SER B 639 -63.81 12.44 12.62
C SER B 639 -63.79 11.09 13.35
N THR B 640 -64.96 10.76 13.96
CA THR B 640 -65.27 9.60 14.80
C THR B 640 -64.74 8.25 14.26
N GLY B 641 -65.01 7.91 13.00
CA GLY B 641 -64.50 6.65 12.46
C GLY B 641 -63.50 6.87 11.35
N PHE B 642 -62.17 6.89 11.66
CA PHE B 642 -61.17 7.12 10.62
C PHE B 642 -60.28 5.88 10.40
N LYS B 643 -59.87 5.64 9.14
CA LYS B 643 -59.07 4.48 8.72
C LYS B 643 -57.58 4.57 9.11
N LEU B 644 -56.87 5.64 8.70
CA LEU B 644 -55.44 5.72 8.93
C LEU B 644 -55.08 6.45 10.25
N LEU B 645 -54.33 5.74 11.14
CA LEU B 645 -53.81 6.18 12.45
C LEU B 645 -52.26 6.33 12.41
N GLY B 646 -51.72 7.39 13.01
CA GLY B 646 -50.29 7.64 13.09
C GLY B 646 -49.80 7.66 14.52
N VAL B 647 -48.75 6.87 14.83
CA VAL B 647 -48.19 6.82 16.18
C VAL B 647 -46.72 7.27 16.18
N TYR B 648 -46.39 8.27 17.02
CA TYR B 648 -45.04 8.82 17.10
C TYR B 648 -44.48 8.81 18.53
N LEU B 649 -43.42 8.02 18.68
CA LEU B 649 -42.67 7.81 19.90
C LEU B 649 -41.41 8.66 19.92
N ASP B 650 -41.20 9.40 21.02
CA ASP B 650 -40.03 10.21 21.30
C ASP B 650 -39.53 9.73 22.65
N TRP B 651 -39.07 8.46 22.69
CA TRP B 651 -38.65 7.69 23.86
C TRP B 651 -37.82 8.50 24.87
N PRO B 652 -36.73 9.22 24.48
CA PRO B 652 -35.96 9.97 25.47
C PRO B 652 -36.71 11.15 26.07
N ALA B 653 -37.63 11.79 25.30
CA ALA B 653 -38.42 12.92 25.79
C ALA B 653 -39.50 12.40 26.70
N GLY B 654 -39.91 11.17 26.44
CA GLY B 654 -40.93 10.46 27.18
C GLY B 654 -42.30 10.80 26.67
N THR B 655 -42.49 10.88 25.33
CA THR B 655 -43.82 11.18 24.79
C THR B 655 -44.23 10.21 23.70
N LEU B 656 -45.49 9.78 23.73
CA LEU B 656 -46.12 8.88 22.77
C LEU B 656 -47.38 9.56 22.26
N SER B 657 -47.38 9.97 21.00
CA SER B 657 -48.44 10.73 20.39
C SER B 657 -49.25 9.93 19.40
N PHE B 658 -50.56 10.22 19.39
CA PHE B 658 -51.55 9.58 18.53
C PHE B 658 -52.15 10.62 17.63
N TYR B 659 -52.23 10.30 16.34
CA TYR B 659 -52.70 11.22 15.32
C TYR B 659 -53.65 10.56 14.32
N MET B 660 -54.51 11.39 13.72
CA MET B 660 -55.39 11.00 12.61
C MET B 660 -54.66 11.37 11.34
N VAL B 661 -54.48 10.41 10.43
CA VAL B 661 -53.72 10.70 9.21
C VAL B 661 -54.66 10.84 8.03
N ASN B 662 -54.56 11.97 7.34
CA ASN B 662 -55.36 12.22 6.16
C ASN B 662 -54.56 12.93 5.10
N LYS B 663 -54.10 12.19 4.06
CA LYS B 663 -53.37 12.73 2.91
C LYS B 663 -51.98 13.25 3.37
N ALA B 664 -51.71 14.54 3.17
CA ALA B 664 -50.51 15.28 3.47
C ALA B 664 -50.52 15.84 4.88
N TRP B 665 -51.70 15.83 5.53
CA TRP B 665 -51.86 16.43 6.85
C TRP B 665 -52.26 15.45 7.93
N VAL B 666 -51.87 15.82 9.14
CA VAL B 666 -52.02 15.02 10.35
C VAL B 666 -52.78 15.82 11.42
N THR B 667 -53.77 15.15 12.06
CA THR B 667 -54.52 15.77 13.15
C THR B 667 -54.03 15.16 14.48
N HIS B 668 -53.61 16.00 15.45
CA HIS B 668 -53.16 15.51 16.74
C HIS B 668 -54.36 15.10 17.57
N LEU B 669 -54.28 13.92 18.20
CA LEU B 669 -55.40 13.37 18.98
C LEU B 669 -55.11 13.36 20.46
N HIS B 670 -54.02 12.72 20.86
CA HIS B 670 -53.65 12.60 22.26
C HIS B 670 -52.13 12.32 22.41
N THR B 671 -51.47 12.93 23.43
CA THR B 671 -50.06 12.65 23.77
C THR B 671 -49.94 12.19 25.23
N PHE B 672 -49.03 11.23 25.47
CA PHE B 672 -48.70 10.70 26.77
C PHE B 672 -47.40 11.29 27.28
N HIS B 673 -47.42 11.96 28.44
CA HIS B 673 -46.19 12.54 28.99
C HIS B 673 -45.74 11.69 30.18
N THR B 674 -44.79 10.75 29.95
CA THR B 674 -44.29 9.84 30.99
C THR B 674 -42.79 9.64 30.90
N LYS B 675 -42.26 8.63 31.62
CA LYS B 675 -40.84 8.26 31.61
C LYS B 675 -40.76 6.81 31.20
N PHE B 676 -40.01 6.49 30.15
CA PHE B 676 -39.88 5.11 29.72
C PHE B 676 -38.66 4.49 30.37
N ASN B 677 -38.93 3.51 31.22
CA ASN B 677 -37.95 2.80 32.01
C ASN B 677 -37.25 1.73 31.22
N GLU B 678 -37.73 1.41 30.01
CA GLU B 678 -37.16 0.40 29.11
C GLU B 678 -37.51 0.69 27.68
N ALA B 679 -36.90 -0.05 26.74
CA ALA B 679 -37.23 0.00 25.32
C ALA B 679 -38.66 -0.46 25.16
N VAL B 680 -39.46 0.29 24.43
CA VAL B 680 -40.85 -0.10 24.34
C VAL B 680 -41.09 -0.86 23.05
N TYR B 681 -42.02 -1.81 23.09
CA TYR B 681 -42.38 -2.64 21.95
C TYR B 681 -43.76 -2.23 21.49
N PRO B 682 -43.93 -1.75 20.24
CA PRO B 682 -45.28 -1.41 19.77
C PRO B 682 -46.18 -2.65 19.83
N ALA B 683 -47.37 -2.50 20.45
CA ALA B 683 -48.29 -3.63 20.59
C ALA B 683 -49.73 -3.24 20.31
N PHE B 684 -50.58 -4.24 20.03
CA PHE B 684 -51.98 -4.01 19.70
C PHE B 684 -52.91 -4.96 20.47
N LEU B 685 -54.20 -4.57 20.53
CA LEU B 685 -55.32 -5.28 21.13
C LEU B 685 -56.40 -5.34 20.07
N ILE B 686 -56.84 -6.54 19.65
CA ILE B 686 -57.83 -6.62 18.58
C ILE B 686 -59.03 -7.57 18.93
N GLY B 687 -60.19 -6.98 19.26
CA GLY B 687 -61.42 -7.70 19.57
C GLY B 687 -61.82 -7.76 21.03
N VAL B 693 -67.57 -6.90 17.02
CA VAL B 693 -66.55 -6.72 18.04
C VAL B 693 -65.24 -7.45 17.57
N ASN B 694 -64.96 -7.29 16.26
CA ASN B 694 -63.77 -7.82 15.57
C ASN B 694 -63.03 -6.71 14.81
N GLY B 695 -61.70 -6.80 14.78
CA GLY B 695 -60.91 -5.78 14.11
C GLY B 695 -59.74 -6.27 13.28
N GLN B 696 -59.11 -5.34 12.56
CA GLN B 696 -57.98 -5.66 11.72
C GLN B 696 -57.07 -4.45 11.62
N ILE B 697 -55.76 -4.70 11.58
CA ILE B 697 -54.79 -3.64 11.45
C ILE B 697 -53.82 -4.00 10.36
N LYS B 698 -53.59 -3.06 9.46
CA LYS B 698 -52.63 -3.25 8.38
C LYS B 698 -51.57 -2.23 8.57
N LEU B 699 -50.40 -2.68 9.07
CA LEU B 699 -49.21 -1.88 9.31
C LEU B 699 -48.62 -1.48 7.98
N LEU B 700 -48.27 -0.19 7.86
CA LEU B 700 -47.69 0.38 6.64
C LEU B 700 -46.18 0.74 6.84
#